data_7YP5
#
_entry.id   7YP5
#
_cell.length_a   106.210
_cell.length_b   106.210
_cell.length_c   215.600
_cell.angle_alpha   90.000
_cell.angle_beta   90.000
_cell.angle_gamma   90.000
#
_symmetry.space_group_name_H-M   'P 41 21 2'
#
loop_
_entity.id
_entity.type
_entity.pdbx_description
1 polymer Glycosyltransferase
2 non-polymer "THYMIDINE-5'-DIPHOSPHATE"
3 non-polymer R-1,2-PROPANEDIOL
4 non-polymer 'CHLORIDE ION'
5 water water
#
_entity_poly.entity_id   1
_entity_poly.type   'polypeptide(L)'
_entity_poly.pdbx_seq_one_letter_code
;MGSSHHHHHHSSGLVPRGSHMRILFATVSEKSHLFTMVPLAWSLAAAGHEVHVASNPALTASIKSTGLTAVPVGKDHNLH
EMLTENRDSLENPLSDWSTPELDRHSWEQVLMKFKVSVMFAYQTYNDCMVHELVDYARHWQPDLVIWDPVTYAGPVAARV
VGAAHARLLWCIDIYAKMREVFLARLAEQPEERREDPMADWLGGILGRYGHTFDEEVVVGQWTIDQIPTSLQLPLSLRRV
PVRYLPHNGPSEIPDWLREAPGRPRVVLTSGVSARAALGGTFMPVADMINTLGSMDIDVVAALPPEEVEALEKVPANTRI
VDFVPLHALLPGASVLIHHGGFGSWGTALVNGVPQFIPTIRYADWWNKGTSLHEAGAGLVVHASELTAEVLRESVERLVE
DASYREAAERLREENQRTPTPHDVVPVIEELTAEHGR
;
_entity_poly.pdbx_strand_id   A,B
#
# COMPACT_ATOMS: atom_id res chain seq x y z
N SER A 19 7.43 16.29 -13.19
CA SER A 19 7.13 15.31 -14.26
C SER A 19 7.69 13.93 -13.89
N HIS A 20 7.48 12.92 -14.74
CA HIS A 20 7.35 11.53 -14.30
C HIS A 20 8.70 10.91 -13.91
N MET A 21 8.75 10.30 -12.70
CA MET A 21 9.98 9.81 -12.11
C MET A 21 9.92 8.31 -11.86
N ARG A 22 11.10 7.68 -11.93
CA ARG A 22 11.35 6.35 -11.40
C ARG A 22 12.09 6.54 -10.08
N ILE A 23 11.50 5.99 -9.02
CA ILE A 23 12.00 6.17 -7.66
C ILE A 23 12.29 4.80 -7.05
N LEU A 24 13.55 4.62 -6.64
CA LEU A 24 13.99 3.37 -6.01
C LEU A 24 14.15 3.63 -4.51
N PHE A 25 13.33 2.93 -3.71
CA PHE A 25 13.53 2.91 -2.27
C PHE A 25 14.47 1.76 -1.94
N ALA A 26 15.40 1.99 -1.02
CA ALA A 26 16.29 0.93 -0.57
C ALA A 26 16.30 0.84 0.96
N THR A 27 16.20 -0.39 1.48
CA THR A 27 16.22 -0.62 2.91
C THR A 27 16.90 -1.95 3.19
N VAL A 28 17.61 -1.97 4.31
CA VAL A 28 18.05 -3.20 4.95
C VAL A 28 16.84 -4.09 5.23
N SER A 29 17.10 -5.37 5.50
CA SER A 29 16.05 -6.38 5.58
C SER A 29 15.40 -6.37 6.97
N GLU A 30 14.88 -5.22 7.38
CA GLU A 30 14.15 -5.10 8.64
C GLU A 30 12.73 -4.64 8.32
N LYS A 31 11.73 -5.46 8.64
CA LYS A 31 10.33 -5.09 8.42
C LYS A 31 10.03 -3.74 9.07
N SER A 32 10.59 -3.52 10.26
CA SER A 32 10.26 -2.35 11.05
C SER A 32 10.73 -1.06 10.34
N HIS A 33 11.91 -1.13 9.70
CA HIS A 33 12.46 -0.01 8.97
C HIS A 33 11.61 0.23 7.72
N LEU A 34 11.25 -0.87 7.04
CA LEU A 34 10.50 -0.80 5.79
C LEU A 34 9.19 -0.04 6.03
N PHE A 35 8.46 -0.41 7.08
CA PHE A 35 7.15 0.14 7.37
C PHE A 35 7.21 1.64 7.61
N THR A 36 8.37 2.16 8.06
CA THR A 36 8.50 3.59 8.27
C THR A 36 8.50 4.36 6.95
N MET A 37 8.76 3.65 5.85
CA MET A 37 9.01 4.28 4.57
C MET A 37 7.76 4.22 3.69
N VAL A 38 6.74 3.48 4.14
CA VAL A 38 5.67 3.08 3.24
C VAL A 38 4.79 4.26 2.86
N PRO A 39 4.33 5.10 3.82
CA PRO A 39 3.48 6.24 3.48
C PRO A 39 4.15 7.22 2.51
N LEU A 40 5.45 7.49 2.68
CA LEU A 40 6.15 8.32 1.71
C LEU A 40 6.17 7.65 0.32
N ALA A 41 6.41 6.33 0.26
CA ALA A 41 6.48 5.63 -1.00
C ALA A 41 5.16 5.76 -1.71
N TRP A 42 4.07 5.57 -0.95
CA TRP A 42 2.75 5.60 -1.55
C TRP A 42 2.36 7.03 -1.99
N SER A 43 2.85 8.06 -1.29
CA SER A 43 2.55 9.44 -1.66
C SER A 43 3.17 9.77 -3.02
N LEU A 44 4.38 9.24 -3.26
CA LEU A 44 5.06 9.45 -4.53
C LEU A 44 4.38 8.68 -5.66
N ALA A 45 3.99 7.42 -5.39
CA ALA A 45 3.24 6.62 -6.36
C ALA A 45 1.88 7.26 -6.68
N ALA A 46 1.16 7.78 -5.65
CA ALA A 46 -0.12 8.45 -5.85
C ALA A 46 -0.03 9.68 -6.77
N ALA A 47 1.17 10.28 -6.89
CA ALA A 47 1.38 11.40 -7.77
C ALA A 47 1.83 10.96 -9.16
N GLY A 48 1.80 9.65 -9.44
CA GLY A 48 1.99 9.15 -10.79
C GLY A 48 3.38 8.58 -11.05
N HIS A 49 4.30 8.70 -10.08
CA HIS A 49 5.66 8.20 -10.22
C HIS A 49 5.70 6.69 -10.00
N GLU A 50 6.72 6.05 -10.56
CA GLU A 50 6.96 4.63 -10.43
C GLU A 50 7.85 4.38 -9.23
N VAL A 51 7.38 3.54 -8.29
CA VAL A 51 8.09 3.28 -7.06
C VAL A 51 8.34 1.79 -6.95
N HIS A 52 9.63 1.41 -6.87
CA HIS A 52 10.08 0.07 -6.60
C HIS A 52 10.86 0.09 -5.28
N VAL A 53 10.74 -0.98 -4.49
CA VAL A 53 11.41 -1.08 -3.19
C VAL A 53 12.33 -2.27 -3.22
N ALA A 54 13.63 -2.03 -2.95
CA ALA A 54 14.66 -3.05 -3.04
C ALA A 54 15.19 -3.37 -1.66
N SER A 55 15.38 -4.68 -1.41
CA SER A 55 16.04 -5.22 -0.23
C SER A 55 16.42 -6.68 -0.52
N ASN A 56 17.04 -7.34 0.47
CA ASN A 56 17.41 -8.74 0.37
C ASN A 56 16.14 -9.57 0.15
N PRO A 57 16.25 -10.80 -0.41
CA PRO A 57 15.11 -11.71 -0.61
C PRO A 57 14.21 -11.97 0.60
N ALA A 58 14.79 -11.95 1.80
CA ALA A 58 14.07 -12.16 3.04
C ALA A 58 12.96 -11.12 3.27
N LEU A 59 13.12 -9.90 2.72
CA LEU A 59 12.14 -8.85 2.93
C LEU A 59 11.07 -8.84 1.83
N THR A 60 11.22 -9.71 0.82
CA THR A 60 10.36 -9.66 -0.35
C THR A 60 8.87 -9.79 0.04
N ALA A 61 8.53 -10.78 0.89
CA ALA A 61 7.13 -11.00 1.25
C ALA A 61 6.58 -9.79 2.02
N SER A 62 7.40 -9.17 2.88
CA SER A 62 6.98 -8.00 3.65
C SER A 62 6.74 -6.78 2.76
N ILE A 63 7.63 -6.59 1.77
CA ILE A 63 7.44 -5.52 0.79
C ILE A 63 6.14 -5.74 0.04
N LYS A 64 5.86 -7.01 -0.34
CA LYS A 64 4.72 -7.32 -1.20
C LYS A 64 3.42 -7.00 -0.48
N SER A 65 3.36 -7.15 0.86
CA SER A 65 2.12 -6.85 1.57
C SER A 65 2.02 -5.39 2.02
N THR A 66 2.90 -4.50 1.52
CA THR A 66 2.74 -3.06 1.67
C THR A 66 2.01 -2.42 0.48
N GLY A 67 1.69 -3.25 -0.53
CA GLY A 67 1.07 -2.77 -1.76
C GLY A 67 2.10 -2.41 -2.82
N LEU A 68 3.39 -2.31 -2.43
CA LEU A 68 4.44 -1.76 -3.26
C LEU A 68 5.17 -2.90 -3.98
N THR A 69 5.82 -2.52 -5.08
CA THR A 69 6.50 -3.48 -5.93
C THR A 69 7.85 -3.79 -5.30
N ALA A 70 8.16 -5.08 -5.10
CA ALA A 70 9.40 -5.52 -4.49
C ALA A 70 10.44 -5.85 -5.55
N VAL A 71 11.69 -5.50 -5.24
CA VAL A 71 12.86 -5.86 -6.04
C VAL A 71 13.83 -6.62 -5.14
N PRO A 72 13.88 -7.97 -5.21
CA PRO A 72 14.89 -8.73 -4.45
C PRO A 72 16.28 -8.57 -5.06
N VAL A 73 17.24 -8.09 -4.27
CA VAL A 73 18.63 -7.91 -4.68
C VAL A 73 19.55 -8.66 -3.74
N GLY A 74 20.62 -9.25 -4.31
CA GLY A 74 21.72 -9.81 -3.54
C GLY A 74 21.28 -11.07 -2.82
N LYS A 75 21.95 -11.38 -1.70
CA LYS A 75 21.57 -12.53 -0.90
C LYS A 75 21.37 -12.10 0.55
N ASP A 76 20.78 -13.01 1.33
CA ASP A 76 20.38 -12.70 2.69
C ASP A 76 21.62 -12.72 3.58
N HIS A 77 21.57 -11.99 4.69
CA HIS A 77 22.62 -12.03 5.69
C HIS A 77 22.11 -12.83 6.88
N ASN A 78 23.05 -13.25 7.71
CA ASN A 78 22.82 -14.19 8.80
C ASN A 78 22.21 -13.49 10.01
N LEU A 79 21.91 -12.19 9.87
CA LEU A 79 22.08 -11.26 10.97
C LEU A 79 20.92 -11.33 11.97
N HIS A 80 19.69 -11.50 11.48
CA HIS A 80 18.55 -11.58 12.37
C HIS A 80 18.24 -13.04 12.74
N GLU A 81 18.97 -13.98 12.12
CA GLU A 81 19.01 -15.38 12.53
C GLU A 81 20.01 -15.56 13.66
N MET A 82 20.85 -14.52 13.88
CA MET A 82 21.86 -14.52 14.93
C MET A 82 21.28 -13.96 16.23
N LEU A 83 20.67 -12.77 16.16
CA LEU A 83 20.32 -11.98 17.35
C LEU A 83 19.16 -12.60 18.13
N THR A 84 18.49 -13.61 17.56
CA THR A 84 17.29 -14.21 18.14
C THR A 84 17.60 -15.54 18.84
N GLU A 85 18.73 -16.18 18.50
CA GLU A 85 19.30 -17.25 19.30
C GLU A 85 20.44 -16.69 20.15
N ASN A 86 20.21 -15.52 20.76
CA ASN A 86 21.27 -14.72 21.35
C ASN A 86 21.15 -14.78 22.88
N ARG A 87 19.98 -14.35 23.39
CA ARG A 87 19.64 -14.44 24.81
C ARG A 87 20.63 -13.58 25.63
N ASP A 88 20.76 -12.32 25.22
CA ASP A 88 21.94 -11.52 25.50
C ASP A 88 21.72 -10.12 24.92
N SER A 89 22.12 -9.10 25.68
CA SER A 89 21.83 -7.71 25.34
C SER A 89 22.74 -7.24 24.20
N LEU A 90 22.21 -6.37 23.34
CA LEU A 90 22.95 -5.77 22.23
C LEU A 90 23.71 -4.53 22.70
N GLU A 91 23.29 -3.92 23.80
CA GLU A 91 23.89 -2.69 24.29
C GLU A 91 25.38 -2.90 24.54
N ASN A 92 26.19 -1.93 24.12
CA ASN A 92 27.64 -2.09 24.07
C ASN A 92 28.25 -0.69 23.99
N PRO A 93 29.26 -0.34 24.83
CA PRO A 93 29.88 0.99 24.77
C PRO A 93 30.31 1.45 23.38
N LEU A 94 30.65 0.52 22.48
CA LEU A 94 31.10 0.85 21.12
C LEU A 94 29.93 1.12 20.16
N SER A 95 28.72 0.63 20.49
CA SER A 95 27.55 0.82 19.65
C SER A 95 26.53 1.75 20.32
N ASP A 96 26.92 2.34 21.45
CA ASP A 96 26.15 3.37 22.14
C ASP A 96 26.42 4.73 21.49
N TRP A 97 25.47 5.19 20.67
CA TRP A 97 25.53 6.45 19.96
C TRP A 97 24.46 7.40 20.50
N SER A 98 23.95 7.14 21.72
CA SER A 98 22.88 7.94 22.30
C SER A 98 23.36 9.35 22.68
N THR A 99 24.69 9.53 22.81
CA THR A 99 25.25 10.83 23.17
C THR A 99 26.37 11.17 22.20
N PRO A 100 26.04 11.59 20.95
CA PRO A 100 27.03 12.07 19.99
C PRO A 100 27.34 13.55 20.21
N GLU A 101 28.16 13.79 21.24
CA GLU A 101 28.75 15.09 21.56
C GLU A 101 30.27 15.01 21.47
N LEU A 102 30.89 16.13 21.07
CA LEU A 102 32.34 16.30 21.05
C LEU A 102 32.96 16.08 22.43
N ASP A 103 32.23 16.45 23.48
CA ASP A 103 32.74 16.36 24.85
C ASP A 103 32.79 14.93 25.35
N ARG A 104 32.24 13.95 24.62
CA ARG A 104 32.23 12.58 25.10
C ARG A 104 32.99 11.67 24.14
N HIS A 105 33.66 12.28 23.15
CA HIS A 105 34.30 11.55 22.09
C HIS A 105 35.62 12.24 21.72
N SER A 106 36.73 11.70 22.23
CA SER A 106 38.04 11.98 21.65
C SER A 106 38.06 11.48 20.21
N TRP A 107 39.08 11.88 19.44
CA TRP A 107 39.23 11.42 18.07
C TRP A 107 39.16 9.89 18.00
N GLU A 108 39.85 9.20 18.92
CA GLU A 108 40.11 7.77 18.82
C GLU A 108 38.82 7.00 19.17
N GLN A 109 37.99 7.60 20.05
CA GLN A 109 36.70 7.03 20.42
C GLN A 109 35.69 7.10 19.28
N VAL A 110 35.71 8.18 18.48
CA VAL A 110 34.77 8.32 17.37
C VAL A 110 35.20 7.42 16.23
N LEU A 111 36.49 7.45 15.91
CA LEU A 111 37.06 6.59 14.88
C LEU A 111 36.67 5.15 15.16
N MET A 112 36.80 4.74 16.43
CA MET A 112 36.59 3.36 16.83
C MET A 112 35.12 2.97 16.62
N LYS A 113 34.21 3.88 16.99
CA LYS A 113 32.77 3.69 16.89
C LYS A 113 32.35 3.50 15.42
N PHE A 114 33.00 4.23 14.50
CA PHE A 114 32.74 4.05 13.08
C PHE A 114 33.37 2.74 12.60
N LYS A 115 34.51 2.35 13.18
CA LYS A 115 35.20 1.17 12.71
C LYS A 115 34.34 -0.06 12.99
N VAL A 116 33.77 -0.13 14.21
CA VAL A 116 33.01 -1.28 14.63
C VAL A 116 31.65 -1.29 13.94
N SER A 117 31.01 -0.12 13.81
CA SER A 117 29.67 -0.04 13.27
C SER A 117 29.69 -0.38 11.78
N VAL A 118 30.74 0.03 11.05
CA VAL A 118 30.88 -0.27 9.63
C VAL A 118 31.14 -1.76 9.44
N MET A 119 32.04 -2.27 10.27
CA MET A 119 32.57 -3.63 10.17
C MET A 119 31.51 -4.66 10.56
N PHE A 120 30.81 -4.40 11.69
CA PHE A 120 29.94 -5.37 12.32
C PHE A 120 28.46 -5.04 12.14
N ALA A 121 28.10 -3.97 11.43
CA ALA A 121 26.69 -3.69 11.16
C ALA A 121 26.46 -3.32 9.69
N TYR A 122 27.02 -2.18 9.24
CA TYR A 122 26.66 -1.64 7.93
C TYR A 122 27.06 -2.61 6.82
N GLN A 123 28.27 -3.20 6.92
CA GLN A 123 28.80 -4.11 5.92
C GLN A 123 27.98 -5.40 5.84
N THR A 124 27.59 -5.93 6.99
CA THR A 124 26.76 -7.13 7.00
C THR A 124 25.40 -6.82 6.36
N TYR A 125 24.85 -5.62 6.60
CA TYR A 125 23.52 -5.25 6.13
C TYR A 125 23.50 -4.94 4.62
N ASN A 126 24.61 -4.41 4.10
CA ASN A 126 24.61 -3.79 2.78
C ASN A 126 25.46 -4.57 1.77
N ASP A 127 26.61 -5.13 2.18
CA ASP A 127 27.55 -5.78 1.27
C ASP A 127 26.95 -7.02 0.58
N CYS A 128 25.97 -7.67 1.22
CA CYS A 128 25.25 -8.80 0.64
C CYS A 128 24.44 -8.42 -0.61
N MET A 129 24.15 -7.11 -0.81
CA MET A 129 23.23 -6.69 -1.85
C MET A 129 23.67 -5.44 -2.62
N VAL A 130 24.80 -4.84 -2.25
CA VAL A 130 25.17 -3.55 -2.81
C VAL A 130 25.45 -3.64 -4.31
N HIS A 131 26.19 -4.67 -4.77
CA HIS A 131 26.57 -4.76 -6.18
C HIS A 131 25.35 -5.09 -7.04
N GLU A 132 24.45 -5.93 -6.51
CA GLU A 132 23.21 -6.29 -7.17
C GLU A 132 22.27 -5.07 -7.21
N LEU A 133 22.36 -4.18 -6.21
CA LEU A 133 21.51 -2.99 -6.21
C LEU A 133 22.01 -2.01 -7.25
N VAL A 134 23.32 -1.76 -7.28
CA VAL A 134 23.96 -0.92 -8.28
C VAL A 134 23.55 -1.40 -9.68
N ASP A 135 23.64 -2.71 -9.89
CA ASP A 135 23.26 -3.37 -11.13
C ASP A 135 21.79 -3.12 -11.46
N TYR A 136 20.89 -3.20 -10.48
CA TYR A 136 19.48 -2.93 -10.78
C TYR A 136 19.26 -1.45 -11.14
N ALA A 137 19.95 -0.53 -10.46
CA ALA A 137 19.83 0.89 -10.73
C ALA A 137 20.35 1.20 -12.14
N ARG A 138 21.40 0.48 -12.55
CA ARG A 138 21.96 0.64 -13.89
C ARG A 138 20.94 0.26 -14.96
N HIS A 139 20.21 -0.83 -14.75
CA HIS A 139 19.14 -1.27 -15.64
C HIS A 139 17.97 -0.28 -15.62
N TRP A 140 17.47 0.06 -14.42
CA TRP A 140 16.18 0.75 -14.26
C TRP A 140 16.32 2.26 -14.42
N GLN A 141 17.51 2.80 -14.12
CA GLN A 141 17.83 4.21 -14.26
C GLN A 141 16.85 5.05 -13.43
N PRO A 142 16.78 4.85 -12.10
CA PRO A 142 15.95 5.70 -11.25
C PRO A 142 16.47 7.12 -11.29
N ASP A 143 15.52 8.07 -11.33
CA ASP A 143 15.82 9.48 -11.18
C ASP A 143 16.18 9.80 -9.72
N LEU A 144 15.67 8.97 -8.78
CA LEU A 144 15.72 9.24 -7.35
C LEU A 144 15.85 7.94 -6.55
N VAL A 145 16.76 7.95 -5.57
CA VAL A 145 16.86 6.88 -4.60
C VAL A 145 16.58 7.43 -3.20
N ILE A 146 15.64 6.80 -2.49
CA ILE A 146 15.34 7.14 -1.11
C ILE A 146 15.73 5.94 -0.25
N TRP A 147 16.62 6.20 0.72
CA TRP A 147 17.24 5.13 1.46
C TRP A 147 16.98 5.29 2.95
N ASP A 148 16.74 4.15 3.61
CA ASP A 148 16.75 4.05 5.06
C ASP A 148 18.14 4.48 5.53
N PRO A 149 18.26 5.18 6.69
CA PRO A 149 19.53 5.78 7.13
C PRO A 149 20.75 4.89 7.38
N VAL A 150 20.59 3.55 7.44
CA VAL A 150 21.76 2.68 7.51
C VAL A 150 21.84 1.79 6.28
N THR A 151 21.07 2.13 5.23
CA THR A 151 21.13 1.42 3.97
C THR A 151 22.05 2.15 3.00
N TYR A 152 23.34 2.13 3.34
CA TYR A 152 24.37 2.85 2.60
C TYR A 152 24.59 2.24 1.21
N ALA A 153 24.03 1.07 0.93
CA ALA A 153 24.06 0.53 -0.42
C ALA A 153 23.26 1.41 -1.37
N GLY A 154 22.29 2.14 -0.80
CA GLY A 154 21.39 2.97 -1.60
C GLY A 154 22.11 4.13 -2.27
N PRO A 155 22.81 4.99 -1.50
CA PRO A 155 23.49 6.14 -2.08
C PRO A 155 24.59 5.73 -3.06
N VAL A 156 25.28 4.61 -2.78
CA VAL A 156 26.28 4.07 -3.68
C VAL A 156 25.65 3.80 -5.05
N ALA A 157 24.48 3.15 -5.03
CA ALA A 157 23.79 2.82 -6.27
C ALA A 157 23.37 4.11 -6.99
N ALA A 158 22.84 5.08 -6.24
CA ALA A 158 22.38 6.35 -6.80
C ALA A 158 23.55 7.09 -7.46
N ARG A 159 24.67 7.20 -6.76
CA ARG A 159 25.81 7.96 -7.25
C ARG A 159 26.34 7.37 -8.55
N VAL A 160 26.39 6.02 -8.63
CA VAL A 160 26.86 5.31 -9.82
C VAL A 160 26.01 5.62 -11.04
N VAL A 161 24.71 5.94 -10.88
CA VAL A 161 23.86 6.31 -12.00
C VAL A 161 23.50 7.80 -11.99
N GLY A 162 24.17 8.61 -11.15
CA GLY A 162 23.89 10.04 -11.09
C GLY A 162 22.47 10.40 -10.63
N ALA A 163 21.82 9.50 -9.88
CA ALA A 163 20.47 9.77 -9.40
C ALA A 163 20.56 10.65 -8.16
N ALA A 164 19.55 11.50 -7.96
CA ALA A 164 19.43 12.18 -6.70
C ALA A 164 19.17 11.13 -5.63
N HIS A 165 19.51 11.47 -4.38
CA HIS A 165 19.20 10.56 -3.29
C HIS A 165 19.06 11.33 -1.99
N ALA A 166 18.24 10.76 -1.11
CA ALA A 166 17.95 11.32 0.19
C ALA A 166 17.73 10.19 1.18
N ARG A 167 18.15 10.41 2.43
CA ARG A 167 17.74 9.55 3.52
C ARG A 167 16.30 9.88 3.88
N LEU A 168 15.58 8.85 4.35
CA LEU A 168 14.28 9.00 5.00
C LEU A 168 14.40 8.47 6.44
N LEU A 169 14.25 9.40 7.39
CA LEU A 169 14.60 9.15 8.79
C LEU A 169 13.39 8.64 9.58
N TRP A 170 13.61 7.49 10.23
CA TRP A 170 12.77 7.02 11.32
C TRP A 170 13.41 7.41 12.65
N CYS A 171 14.60 8.03 12.58
CA CYS A 171 15.51 8.13 13.71
C CYS A 171 15.74 9.58 14.15
N ILE A 172 15.85 9.76 15.49
CA ILE A 172 16.60 10.89 16.03
C ILE A 172 18.02 10.68 15.50
N ASP A 173 18.55 11.73 14.85
CA ASP A 173 19.55 11.57 13.81
C ASP A 173 20.93 11.47 14.44
N ILE A 174 21.10 10.47 15.29
CA ILE A 174 22.37 10.16 15.91
C ILE A 174 23.42 9.82 14.86
N TYR A 175 22.99 9.34 13.68
CA TYR A 175 23.92 8.85 12.67
C TYR A 175 24.65 10.03 12.04
N ALA A 176 23.89 11.06 11.62
CA ALA A 176 24.49 12.27 11.07
C ALA A 176 25.23 13.08 12.14
N LYS A 177 24.75 13.06 13.39
CA LYS A 177 25.36 13.86 14.43
C LYS A 177 26.72 13.30 14.83
N MET A 178 26.81 11.97 15.04
CA MET A 178 28.07 11.29 15.30
C MET A 178 29.03 11.44 14.12
N ARG A 179 28.48 11.57 12.88
CA ARG A 179 29.30 11.86 11.70
C ARG A 179 29.87 13.27 11.75
N GLU A 180 29.13 14.20 12.39
CA GLU A 180 29.57 15.57 12.56
C GLU A 180 30.68 15.58 13.61
N VAL A 181 30.47 14.86 14.71
CA VAL A 181 31.48 14.73 15.76
C VAL A 181 32.73 14.08 15.17
N PHE A 182 32.57 13.16 14.20
CA PHE A 182 33.70 12.42 13.66
C PHE A 182 34.55 13.34 12.79
N LEU A 183 33.91 14.08 11.88
CA LEU A 183 34.59 14.93 10.90
C LEU A 183 35.25 16.14 11.57
N ALA A 184 34.71 16.59 12.71
CA ALA A 184 35.32 17.66 13.49
C ALA A 184 36.64 17.20 14.09
N ARG A 185 36.67 15.96 14.62
CA ARG A 185 37.88 15.34 15.17
C ARG A 185 38.84 14.89 14.07
N LEU A 186 38.34 14.65 12.86
CA LEU A 186 39.17 14.29 11.72
C LEU A 186 40.02 15.49 11.28
N ALA A 187 39.41 16.68 11.33
CA ALA A 187 40.06 17.90 10.89
C ALA A 187 41.20 18.28 11.85
N GLU A 188 41.14 17.82 13.11
CA GLU A 188 42.12 18.16 14.12
C GLU A 188 43.38 17.30 14.06
N GLN A 189 43.37 16.20 13.31
CA GLN A 189 44.50 15.28 13.30
C GLN A 189 45.47 15.69 12.18
N PRO A 190 46.78 15.42 12.32
CA PRO A 190 47.73 15.67 11.25
C PRO A 190 47.47 14.70 10.09
N GLU A 191 48.00 15.04 8.91
CA GLU A 191 47.58 14.43 7.66
C GLU A 191 47.93 12.94 7.61
N GLU A 192 48.99 12.51 8.33
CA GLU A 192 49.47 11.14 8.21
C GLU A 192 48.67 10.17 9.10
N ARG A 193 47.64 10.68 9.80
CA ARG A 193 46.79 9.82 10.61
C ARG A 193 45.31 10.16 10.40
N ARG A 194 44.99 10.80 9.26
CA ARG A 194 43.64 10.83 8.75
C ARG A 194 43.27 9.42 8.29
N GLU A 195 42.07 8.98 8.69
CA GLU A 195 41.53 7.72 8.26
C GLU A 195 40.01 7.79 8.50
N ASP A 196 39.24 7.25 7.55
CA ASP A 196 37.79 7.32 7.59
C ASP A 196 37.23 5.97 7.14
N PRO A 197 36.69 5.13 8.08
CA PRO A 197 36.14 3.81 7.73
C PRO A 197 34.98 3.81 6.72
N MET A 198 34.14 4.86 6.75
CA MET A 198 33.08 5.10 5.75
C MET A 198 33.67 5.41 4.37
N ALA A 199 34.76 6.19 4.31
CA ALA A 199 35.39 6.54 3.04
C ALA A 199 36.02 5.30 2.41
N ASP A 200 36.74 4.51 3.20
CA ASP A 200 37.43 3.31 2.75
C ASP A 200 36.39 2.34 2.17
N TRP A 201 35.37 2.03 2.97
CA TRP A 201 34.37 1.03 2.62
C TRP A 201 33.59 1.45 1.37
N LEU A 202 32.92 2.61 1.46
CA LEU A 202 32.02 3.07 0.41
C LEU A 202 32.79 3.65 -0.78
N GLY A 203 33.91 4.34 -0.51
CA GLY A 203 34.85 4.75 -1.55
C GLY A 203 35.45 3.54 -2.30
N GLY A 204 35.78 2.48 -1.57
CA GLY A 204 36.19 1.21 -2.15
C GLY A 204 35.18 0.68 -3.14
N ILE A 205 33.92 0.57 -2.72
CA ILE A 205 32.87 0.06 -3.60
C ILE A 205 32.67 1.00 -4.80
N LEU A 206 32.61 2.31 -4.54
CA LEU A 206 32.40 3.29 -5.60
C LEU A 206 33.60 3.33 -6.55
N GLY A 207 34.81 3.18 -5.99
CA GLY A 207 36.05 3.12 -6.77
C GLY A 207 36.03 1.99 -7.80
N ARG A 208 35.42 0.86 -7.45
CA ARG A 208 35.31 -0.29 -8.34
C ARG A 208 34.47 0.08 -9.57
N TYR A 209 33.70 1.18 -9.51
CA TYR A 209 32.79 1.55 -10.58
C TYR A 209 33.24 2.81 -11.31
N GLY A 210 34.39 3.37 -10.89
CA GLY A 210 34.95 4.57 -11.50
C GLY A 210 34.32 5.86 -10.97
N HIS A 211 33.80 5.80 -9.73
CA HIS A 211 33.24 6.97 -9.05
C HIS A 211 34.02 7.23 -7.77
N THR A 212 34.03 8.49 -7.35
CA THR A 212 34.73 8.87 -6.14
C THR A 212 33.73 8.90 -4.97
N PHE A 213 34.29 8.80 -3.77
CA PHE A 213 33.53 9.03 -2.56
C PHE A 213 33.17 10.51 -2.45
N ASP A 214 32.07 10.80 -1.73
CA ASP A 214 31.69 12.15 -1.36
C ASP A 214 30.82 12.07 -0.11
N GLU A 215 30.78 13.13 0.70
CA GLU A 215 30.13 13.10 1.99
C GLU A 215 28.60 13.00 1.86
N GLU A 216 28.02 13.29 0.68
CA GLU A 216 26.58 13.14 0.49
C GLU A 216 26.20 11.66 0.39
N VAL A 217 27.19 10.77 0.35
CA VAL A 217 26.94 9.33 0.32
C VAL A 217 26.66 8.79 1.73
N VAL A 218 27.01 9.57 2.76
CA VAL A 218 26.90 9.16 4.15
C VAL A 218 25.62 9.72 4.79
N VAL A 219 25.18 10.90 4.34
CA VAL A 219 24.05 11.62 4.93
C VAL A 219 23.00 11.98 3.87
N GLY A 220 23.19 11.54 2.63
CA GLY A 220 22.31 11.93 1.54
C GLY A 220 22.56 13.36 1.05
N GLN A 221 22.01 13.65 -0.12
CA GLN A 221 21.98 14.99 -0.67
C GLN A 221 21.02 15.87 0.13
N TRP A 222 19.85 15.32 0.49
CA TRP A 222 19.04 15.92 1.55
C TRP A 222 18.50 14.82 2.46
N THR A 223 17.82 15.24 3.53
CA THR A 223 17.29 14.37 4.56
C THR A 223 15.79 14.68 4.67
N ILE A 224 14.94 13.66 4.40
CA ILE A 224 13.51 13.71 4.68
C ILE A 224 13.30 13.13 6.07
N ASP A 225 12.67 13.89 6.97
CA ASP A 225 12.77 13.62 8.39
C ASP A 225 11.37 13.53 9.01
N GLN A 226 11.02 12.34 9.52
CA GLN A 226 9.72 12.08 10.12
C GLN A 226 9.72 12.39 11.62
N ILE A 227 10.87 12.81 12.18
CA ILE A 227 10.91 13.22 13.58
C ILE A 227 10.43 14.67 13.73
N PRO A 228 9.45 14.96 14.61
CA PRO A 228 9.10 16.34 14.95
C PRO A 228 10.35 17.19 15.21
N THR A 229 10.37 18.39 14.63
CA THR A 229 11.55 19.24 14.66
C THR A 229 11.98 19.55 16.11
N SER A 230 11.03 19.76 17.03
CA SER A 230 11.33 20.08 18.42
C SER A 230 12.07 18.96 19.15
N LEU A 231 12.17 17.76 18.55
CA LEU A 231 12.77 16.61 19.19
C LEU A 231 14.04 16.15 18.48
N GLN A 232 14.38 16.78 17.35
CA GLN A 232 15.43 16.27 16.48
C GLN A 232 16.70 17.05 16.79
N LEU A 233 17.86 16.38 16.69
CA LEU A 233 19.15 17.04 16.80
C LEU A 233 19.32 18.06 15.66
N PRO A 234 19.71 19.33 15.96
CA PRO A 234 20.05 20.29 14.92
C PRO A 234 21.36 19.92 14.21
N LEU A 235 21.35 19.93 12.88
CA LEU A 235 22.45 19.44 12.06
C LEU A 235 22.64 20.31 10.82
N SER A 236 23.80 20.16 10.15
CA SER A 236 24.08 20.86 8.90
C SER A 236 23.62 20.02 7.73
N LEU A 237 22.32 20.02 7.51
CA LEU A 237 21.69 19.17 6.51
C LEU A 237 20.66 20.02 5.79
N ARG A 238 20.47 19.70 4.50
CA ARG A 238 19.25 20.11 3.81
C ARG A 238 18.16 19.16 4.30
N ARG A 239 17.17 19.70 5.02
CA ARG A 239 16.23 18.87 5.77
C ARG A 239 14.82 19.21 5.30
N VAL A 240 14.08 18.18 4.87
CA VAL A 240 12.66 18.34 4.57
C VAL A 240 11.85 17.70 5.69
N PRO A 241 11.17 18.47 6.57
CA PRO A 241 10.24 17.86 7.54
C PRO A 241 9.08 17.20 6.81
N VAL A 242 8.70 15.99 7.28
CA VAL A 242 7.49 15.33 6.82
C VAL A 242 6.76 14.72 8.03
N ARG A 243 5.42 14.76 7.96
CA ARG A 243 4.59 14.22 9.02
C ARG A 243 4.71 12.69 9.06
N TYR A 244 4.89 12.14 10.27
CA TYR A 244 4.78 10.70 10.46
C TYR A 244 3.31 10.27 10.36
N LEU A 245 3.04 9.38 9.39
CA LEU A 245 1.75 8.73 9.26
C LEU A 245 1.92 7.26 9.67
N PRO A 246 1.11 6.74 10.61
CA PRO A 246 1.35 5.40 11.14
C PRO A 246 1.28 4.34 10.05
N HIS A 247 2.34 3.53 9.90
CA HIS A 247 2.18 2.29 9.18
C HIS A 247 2.77 1.17 10.03
N ASN A 248 1.91 0.20 10.38
CA ASN A 248 2.21 -0.80 11.40
C ASN A 248 2.28 -2.20 10.78
N GLY A 249 2.37 -2.27 9.45
CA GLY A 249 2.38 -3.54 8.77
C GLY A 249 0.96 -4.01 8.48
N PRO A 250 0.77 -5.26 8.03
CA PRO A 250 -0.55 -5.81 7.73
C PRO A 250 -1.56 -5.78 8.89
N SER A 251 -2.72 -5.15 8.65
CA SER A 251 -3.59 -4.73 9.74
C SER A 251 -5.04 -5.04 9.39
N GLU A 252 -5.74 -5.68 10.35
CA GLU A 252 -7.19 -5.69 10.36
C GLU A 252 -7.72 -5.27 11.73
N ILE A 253 -8.90 -4.67 11.68
CA ILE A 253 -9.67 -4.26 12.82
C ILE A 253 -10.34 -5.50 13.41
N PRO A 254 -10.02 -5.86 14.67
CA PRO A 254 -10.75 -6.93 15.37
C PRO A 254 -12.09 -6.42 15.90
N ASP A 255 -13.04 -7.36 16.04
CA ASP A 255 -14.40 -7.14 16.54
C ASP A 255 -14.40 -6.52 17.94
N TRP A 256 -13.43 -6.92 18.78
CA TRP A 256 -13.41 -6.56 20.19
C TRP A 256 -12.97 -5.11 20.44
N LEU A 257 -12.69 -4.33 19.37
CA LEU A 257 -12.17 -2.99 19.49
C LEU A 257 -13.31 -2.00 19.71
N ARG A 258 -14.56 -2.37 19.39
CA ARG A 258 -15.69 -1.47 19.51
C ARG A 258 -16.00 -1.11 20.98
N GLU A 259 -15.80 -2.04 21.93
CA GLU A 259 -16.15 -1.87 23.33
C GLU A 259 -15.20 -0.88 24.02
N ALA A 260 -15.67 0.35 24.32
CA ALA A 260 -14.87 1.31 25.09
C ALA A 260 -14.58 0.69 26.46
N PRO A 261 -13.45 1.05 27.12
CA PRO A 261 -12.89 0.21 28.18
C PRO A 261 -13.48 0.38 29.61
N GLY A 262 -14.07 1.56 29.89
CA GLY A 262 -14.59 1.87 31.22
C GLY A 262 -13.53 2.43 32.16
N ARG A 263 -12.26 2.27 31.79
CA ARG A 263 -11.14 2.63 32.64
C ARG A 263 -9.93 2.80 31.73
N PRO A 264 -8.78 3.32 32.26
CA PRO A 264 -7.62 3.58 31.41
C PRO A 264 -7.08 2.31 30.73
N ARG A 265 -6.91 2.36 29.40
CA ARG A 265 -6.33 1.26 28.66
C ARG A 265 -4.82 1.48 28.66
N VAL A 266 -4.09 0.44 29.02
CA VAL A 266 -2.64 0.40 28.98
C VAL A 266 -2.21 -0.68 28.00
N VAL A 267 -1.38 -0.29 27.01
CA VAL A 267 -0.92 -1.19 25.97
C VAL A 267 0.56 -1.50 26.18
N LEU A 268 0.92 -2.78 26.00
CA LEU A 268 2.29 -3.27 26.10
C LEU A 268 2.62 -4.00 24.80
N THR A 269 3.76 -3.65 24.19
CA THR A 269 4.28 -4.34 23.02
C THR A 269 5.70 -4.85 23.29
N SER A 270 5.85 -6.17 23.33
CA SER A 270 7.11 -6.84 23.01
C SER A 270 7.09 -7.27 21.53
N GLY A 271 8.24 -7.68 21.02
CA GLY A 271 8.37 -8.22 19.67
C GLY A 271 9.53 -9.20 19.56
N VAL A 272 9.74 -9.75 18.35
CA VAL A 272 10.83 -10.68 18.09
C VAL A 272 12.12 -9.89 17.86
N SER A 273 12.00 -8.57 17.64
CA SER A 273 13.14 -7.68 17.55
C SER A 273 13.44 -7.05 18.91
N ALA A 274 12.40 -6.59 19.62
CA ALA A 274 12.54 -6.11 20.98
C ALA A 274 13.14 -7.20 21.88
N ARG A 275 12.62 -8.44 21.73
CA ARG A 275 13.04 -9.62 22.49
C ARG A 275 14.53 -9.95 22.25
N ALA A 276 14.97 -9.74 21.00
CA ALA A 276 16.28 -10.17 20.52
C ALA A 276 17.37 -9.19 20.92
N ALA A 277 16.97 -7.95 21.27
CA ALA A 277 17.90 -6.87 21.60
C ALA A 277 18.04 -6.69 23.11
N LEU A 278 16.92 -6.70 23.86
CA LEU A 278 16.94 -6.45 25.29
C LEU A 278 17.60 -7.62 26.02
N GLY A 279 17.43 -8.84 25.49
CA GLY A 279 18.04 -10.04 26.06
C GLY A 279 17.18 -10.68 27.14
N GLY A 280 17.79 -11.54 27.95
CA GLY A 280 17.07 -12.34 28.93
C GLY A 280 17.35 -11.95 30.38
N THR A 281 18.12 -10.88 30.64
CA THR A 281 18.59 -10.59 32.01
C THR A 281 17.71 -9.54 32.69
N PHE A 282 16.79 -8.92 31.96
CA PHE A 282 16.01 -7.82 32.51
C PHE A 282 14.65 -8.39 32.88
N MET A 283 13.78 -7.57 33.47
CA MET A 283 12.54 -8.03 34.06
C MET A 283 11.76 -8.90 33.06
N PRO A 284 11.39 -10.16 33.38
CA PRO A 284 10.64 -11.00 32.45
C PRO A 284 9.27 -10.36 32.16
N VAL A 285 8.83 -10.53 30.91
CA VAL A 285 7.56 -9.99 30.45
C VAL A 285 6.41 -10.67 31.19
N ALA A 286 6.61 -11.88 31.72
CA ALA A 286 5.59 -12.50 32.55
C ALA A 286 5.36 -11.65 33.82
N ASP A 287 6.45 -11.14 34.41
CA ASP A 287 6.39 -10.39 35.65
C ASP A 287 5.74 -9.03 35.40
N MET A 288 5.91 -8.52 34.16
CA MET A 288 5.35 -7.23 33.80
C MET A 288 3.83 -7.35 33.67
N ILE A 289 3.38 -8.47 33.11
CA ILE A 289 1.96 -8.76 32.94
C ILE A 289 1.30 -8.94 34.32
N ASN A 290 1.97 -9.66 35.24
CA ASN A 290 1.49 -9.85 36.61
C ASN A 290 1.37 -8.52 37.34
N THR A 291 2.33 -7.61 37.13
CA THR A 291 2.36 -6.32 37.80
C THR A 291 1.20 -5.45 37.34
N LEU A 292 0.96 -5.37 36.01
CA LEU A 292 -0.15 -4.63 35.42
C LEU A 292 -1.49 -5.31 35.74
N GLY A 293 -1.46 -6.63 35.89
CA GLY A 293 -2.63 -7.43 36.21
C GLY A 293 -3.24 -7.12 37.60
N SER A 294 -2.52 -6.39 38.45
CA SER A 294 -2.98 -6.00 39.78
C SER A 294 -3.52 -4.57 39.84
N MET A 295 -3.61 -3.87 38.70
CA MET A 295 -3.98 -2.46 38.69
C MET A 295 -5.38 -2.27 38.09
N ASP A 296 -6.07 -1.18 38.46
CA ASP A 296 -7.39 -0.88 37.92
C ASP A 296 -7.27 -0.26 36.50
N ILE A 297 -6.82 -1.11 35.57
CA ILE A 297 -6.62 -0.74 34.17
C ILE A 297 -7.08 -1.88 33.28
N ASP A 298 -7.30 -1.53 32.01
CA ASP A 298 -7.53 -2.44 30.92
C ASP A 298 -6.20 -2.66 30.19
N VAL A 299 -5.69 -3.91 30.18
CA VAL A 299 -4.40 -4.19 29.59
C VAL A 299 -4.61 -4.92 28.26
N VAL A 300 -3.89 -4.46 27.22
CA VAL A 300 -3.74 -5.19 25.99
C VAL A 300 -2.26 -5.43 25.79
N ALA A 301 -1.84 -6.69 25.72
CA ALA A 301 -0.46 -7.00 25.50
C ALA A 301 -0.32 -7.78 24.18
N ALA A 302 0.56 -7.27 23.31
CA ALA A 302 0.91 -7.93 22.06
C ALA A 302 2.26 -8.62 22.22
N LEU A 303 2.25 -9.96 22.27
CA LEU A 303 3.41 -10.74 22.68
C LEU A 303 3.74 -11.80 21.63
N PRO A 304 5.05 -12.08 21.37
CA PRO A 304 5.46 -13.15 20.44
C PRO A 304 5.11 -14.52 21.03
N PRO A 305 4.89 -15.56 20.18
CA PRO A 305 4.28 -16.83 20.64
C PRO A 305 5.05 -17.54 21.76
N GLU A 306 6.39 -17.45 21.75
CA GLU A 306 7.26 -18.02 22.79
C GLU A 306 6.85 -17.49 24.15
N GLU A 307 6.60 -16.17 24.18
CA GLU A 307 6.33 -15.42 25.39
C GLU A 307 4.90 -15.69 25.88
N VAL A 308 4.06 -16.23 24.98
CA VAL A 308 2.65 -16.48 25.26
C VAL A 308 2.48 -17.75 26.11
N GLU A 309 3.42 -18.71 26.01
CA GLU A 309 3.31 -19.96 26.77
C GLU A 309 4.17 -19.93 28.04
N ALA A 310 5.12 -18.97 28.12
CA ALA A 310 5.86 -18.68 29.35
C ALA A 310 4.95 -18.09 30.42
N LEU A 311 3.74 -17.67 29.99
CA LEU A 311 2.71 -17.20 30.90
C LEU A 311 2.03 -18.39 31.57
N GLU A 312 1.84 -18.27 32.90
CA GLU A 312 1.16 -19.29 33.69
C GLU A 312 -0.33 -19.03 33.66
N LYS A 313 -0.72 -17.81 34.02
CA LYS A 313 -2.11 -17.41 34.20
C LYS A 313 -2.27 -16.01 33.59
N VAL A 314 -3.37 -15.75 32.88
CA VAL A 314 -3.64 -14.45 32.29
C VAL A 314 -4.54 -13.61 33.22
N PRO A 315 -4.06 -12.47 33.78
CA PRO A 315 -4.89 -11.63 34.65
C PRO A 315 -6.22 -11.26 34.01
N ALA A 316 -7.23 -11.08 34.89
CA ALA A 316 -8.60 -10.82 34.50
C ALA A 316 -8.73 -9.48 33.75
N ASN A 317 -7.80 -8.53 33.99
CA ASN A 317 -7.89 -7.24 33.33
C ASN A 317 -7.12 -7.22 31.99
N THR A 318 -6.60 -8.39 31.56
CA THR A 318 -5.59 -8.44 30.53
C THR A 318 -6.06 -9.25 29.31
N ARG A 319 -5.79 -8.72 28.11
CA ARG A 319 -6.02 -9.43 26.87
C ARG A 319 -4.68 -9.58 26.15
N ILE A 320 -4.33 -10.82 25.82
CA ILE A 320 -3.11 -11.11 25.10
C ILE A 320 -3.46 -11.32 23.63
N VAL A 321 -2.61 -10.79 22.74
CA VAL A 321 -2.77 -10.99 21.30
C VAL A 321 -1.39 -11.20 20.69
N ASP A 322 -1.38 -11.82 19.50
CA ASP A 322 -0.20 -11.91 18.65
C ASP A 322 0.19 -10.50 18.19
N PHE A 323 -0.80 -9.83 17.57
CA PHE A 323 -0.61 -8.56 16.90
C PHE A 323 -1.93 -7.82 16.92
N VAL A 324 -1.86 -6.51 17.11
CA VAL A 324 -3.03 -5.68 16.94
C VAL A 324 -2.55 -4.32 16.44
N PRO A 325 -3.06 -3.79 15.32
CA PRO A 325 -2.49 -2.57 14.75
C PRO A 325 -2.65 -1.41 15.72
N LEU A 326 -1.53 -0.81 16.12
CA LEU A 326 -1.53 0.26 17.11
C LEU A 326 -2.31 1.47 16.62
N HIS A 327 -2.36 1.70 15.29
CA HIS A 327 -3.02 2.90 14.77
C HIS A 327 -4.51 2.87 15.09
N ALA A 328 -5.06 1.66 15.27
CA ALA A 328 -6.46 1.43 15.59
C ALA A 328 -6.70 1.30 17.10
N LEU A 329 -5.75 0.72 17.86
CA LEU A 329 -5.88 0.52 19.30
C LEU A 329 -5.59 1.78 20.14
N LEU A 330 -4.66 2.62 19.71
CA LEU A 330 -4.09 3.65 20.57
C LEU A 330 -5.01 4.86 20.75
N PRO A 331 -5.92 5.23 19.81
CA PRO A 331 -6.88 6.31 20.07
C PRO A 331 -7.61 6.10 21.40
N GLY A 332 -7.51 7.11 22.28
CA GLY A 332 -8.01 7.03 23.64
C GLY A 332 -7.42 5.91 24.52
N ALA A 333 -6.28 5.29 24.15
CA ALA A 333 -5.45 4.57 25.10
C ALA A 333 -4.83 5.60 26.05
N SER A 334 -4.40 5.14 27.24
CA SER A 334 -3.82 6.03 28.23
C SER A 334 -2.29 5.92 28.22
N VAL A 335 -1.76 4.72 27.96
CA VAL A 335 -0.33 4.51 28.02
C VAL A 335 0.10 3.48 26.98
N LEU A 336 1.28 3.70 26.39
CA LEU A 336 1.96 2.66 25.62
C LEU A 336 3.34 2.38 26.21
N ILE A 337 3.57 1.09 26.50
CA ILE A 337 4.83 0.59 27.01
C ILE A 337 5.54 -0.17 25.89
N HIS A 338 6.78 0.23 25.57
CA HIS A 338 7.51 -0.35 24.46
C HIS A 338 8.99 0.04 24.56
N HIS A 339 9.79 -0.49 23.61
CA HIS A 339 11.23 -0.41 23.65
C HIS A 339 11.78 0.82 22.93
N GLY A 340 10.88 1.57 22.28
CA GLY A 340 11.25 2.81 21.60
C GLY A 340 11.55 2.63 20.11
N GLY A 341 11.06 1.55 19.50
CA GLY A 341 10.94 1.44 18.05
C GLY A 341 10.08 2.56 17.51
N PHE A 342 10.29 2.99 16.26
CA PHE A 342 9.65 4.19 15.71
C PHE A 342 8.16 4.01 15.43
N GLY A 343 7.79 2.84 14.88
CA GLY A 343 6.40 2.58 14.59
C GLY A 343 5.53 2.76 15.83
N SER A 344 5.98 2.19 16.95
CA SER A 344 5.29 2.33 18.22
C SER A 344 5.33 3.77 18.74
N TRP A 345 6.54 4.34 18.77
CA TRP A 345 6.79 5.70 19.24
C TRP A 345 5.94 6.70 18.46
N GLY A 346 5.93 6.58 17.11
CA GLY A 346 5.20 7.51 16.24
C GLY A 346 3.68 7.36 16.32
N THR A 347 3.19 6.11 16.45
CA THR A 347 1.75 5.86 16.45
C THR A 347 1.14 6.37 17.76
N ALA A 348 1.88 6.20 18.86
CA ALA A 348 1.51 6.80 20.14
C ALA A 348 1.52 8.33 20.02
N LEU A 349 2.59 8.87 19.43
CA LEU A 349 2.76 10.31 19.32
C LEU A 349 1.55 10.94 18.63
N VAL A 350 1.15 10.40 17.46
CA VAL A 350 0.08 11.00 16.66
C VAL A 350 -1.26 10.80 17.37
N ASN A 351 -1.29 9.92 18.37
CA ASN A 351 -2.49 9.64 19.12
C ASN A 351 -2.49 10.35 20.47
N GLY A 352 -1.39 11.03 20.83
CA GLY A 352 -1.36 11.82 22.07
C GLY A 352 -1.32 10.96 23.34
N VAL A 353 -0.80 9.73 23.19
CA VAL A 353 -0.67 8.75 24.25
C VAL A 353 0.70 8.83 24.93
N PRO A 354 0.74 9.08 26.27
CA PRO A 354 2.00 9.04 27.02
C PRO A 354 2.66 7.67 26.92
N GLN A 355 3.97 7.69 26.78
CA GLN A 355 4.74 6.49 26.54
C GLN A 355 5.62 6.22 27.76
N PHE A 356 5.74 4.92 28.12
CA PHE A 356 6.74 4.45 29.07
C PHE A 356 7.74 3.58 28.32
N ILE A 357 9.02 3.96 28.33
CA ILE A 357 9.99 3.30 27.46
C ILE A 357 11.11 2.73 28.32
N PRO A 358 11.01 1.46 28.74
CA PRO A 358 12.13 0.76 29.37
C PRO A 358 13.01 0.15 28.29
N THR A 359 14.20 0.73 28.05
CA THR A 359 15.01 0.31 26.91
C THR A 359 16.50 0.47 27.17
N ILE A 360 17.28 0.33 26.10
CA ILE A 360 18.73 0.33 26.12
C ILE A 360 19.28 1.30 25.09
N ARG A 361 20.59 1.53 25.14
CA ARG A 361 21.27 2.46 24.26
C ARG A 361 21.65 1.73 22.98
N TYR A 362 20.62 1.24 22.29
CA TYR A 362 20.75 0.59 21.00
C TYR A 362 20.02 1.44 19.95
N ALA A 363 20.62 1.57 18.77
CA ALA A 363 20.12 2.49 17.77
C ALA A 363 19.83 3.82 18.47
N ASP A 364 18.61 4.37 18.27
CA ASP A 364 18.19 5.60 18.89
C ASP A 364 17.11 5.40 19.98
N TRP A 365 16.95 4.17 20.50
CA TRP A 365 15.89 3.82 21.42
C TRP A 365 15.95 4.64 22.71
N TRP A 366 17.14 4.79 23.28
CA TRP A 366 17.31 5.64 24.46
C TRP A 366 16.81 7.07 24.20
N ASN A 367 17.09 7.55 22.98
CA ASN A 367 16.84 8.93 22.57
C ASN A 367 15.34 9.15 22.32
N LYS A 368 14.70 8.08 21.82
CA LYS A 368 13.26 8.04 21.67
C LYS A 368 12.61 8.24 23.05
N GLY A 369 13.11 7.52 24.06
CA GLY A 369 12.63 7.66 25.43
C GLY A 369 12.97 9.03 26.04
N THR A 370 14.25 9.38 25.99
CA THR A 370 14.85 10.63 26.45
C THR A 370 14.08 11.87 26.01
N SER A 371 13.82 11.96 24.70
CA SER A 371 13.17 13.12 24.12
C SER A 371 11.78 13.35 24.74
N LEU A 372 10.99 12.27 24.88
CA LEU A 372 9.67 12.37 25.49
C LEU A 372 9.77 12.69 27.00
N HIS A 373 10.71 12.03 27.69
CA HIS A 373 10.94 12.26 29.12
C HIS A 373 11.25 13.74 29.35
N GLU A 374 12.10 14.33 28.51
CA GLU A 374 12.52 15.72 28.69
C GLU A 374 11.43 16.69 28.27
N ALA A 375 10.54 16.31 27.34
CA ALA A 375 9.40 17.16 27.01
C ALA A 375 8.28 17.01 28.03
N GLY A 376 8.40 16.04 28.95
CA GLY A 376 7.35 15.78 29.94
C GLY A 376 6.15 15.01 29.39
N ALA A 377 6.32 14.31 28.25
CA ALA A 377 5.25 13.59 27.56
C ALA A 377 5.24 12.12 27.92
N GLY A 378 6.34 11.63 28.48
CA GLY A 378 6.49 10.24 28.80
C GLY A 378 7.63 10.03 29.79
N LEU A 379 7.92 8.77 30.07
CA LEU A 379 8.99 8.44 31.00
C LEU A 379 9.87 7.41 30.33
N VAL A 380 11.18 7.55 30.57
CA VAL A 380 12.14 6.55 30.13
C VAL A 380 12.84 6.03 31.38
N VAL A 381 13.28 4.78 31.30
CA VAL A 381 14.06 4.14 32.34
C VAL A 381 14.93 3.09 31.66
N HIS A 382 16.20 2.95 32.07
CA HIS A 382 17.05 1.92 31.50
C HIS A 382 16.46 0.56 31.87
N ALA A 383 16.61 -0.42 30.98
CA ALA A 383 15.83 -1.66 31.11
C ALA A 383 16.29 -2.45 32.33
N SER A 384 17.56 -2.25 32.72
CA SER A 384 18.18 -2.99 33.81
C SER A 384 17.70 -2.47 35.18
N GLU A 385 17.09 -1.28 35.19
CA GLU A 385 16.56 -0.70 36.41
C GLU A 385 15.05 -0.96 36.53
N LEU A 386 14.46 -1.72 35.61
CA LEU A 386 13.02 -1.90 35.64
C LEU A 386 12.64 -2.96 36.65
N THR A 387 11.66 -2.63 37.50
CA THR A 387 11.16 -3.49 38.58
C THR A 387 9.63 -3.41 38.58
N ALA A 388 9.00 -4.30 39.37
CA ALA A 388 7.57 -4.27 39.56
C ALA A 388 7.13 -2.90 40.10
N GLU A 389 7.87 -2.31 41.04
CA GLU A 389 7.45 -1.03 41.61
C GLU A 389 7.67 0.13 40.61
N VAL A 390 8.80 0.16 39.89
CA VAL A 390 9.03 1.23 38.90
C VAL A 390 7.93 1.21 37.83
N LEU A 391 7.59 0.02 37.33
CA LEU A 391 6.55 -0.15 36.32
C LEU A 391 5.21 0.38 36.84
N ARG A 392 4.78 -0.12 38.00
CA ARG A 392 3.54 0.26 38.64
C ARG A 392 3.46 1.78 38.82
N GLU A 393 4.53 2.41 39.32
CA GLU A 393 4.47 3.84 39.59
C GLU A 393 4.51 4.67 38.29
N SER A 394 5.32 4.25 37.31
CA SER A 394 5.42 4.97 36.03
C SER A 394 4.06 4.94 35.34
N VAL A 395 3.44 3.75 35.32
CA VAL A 395 2.12 3.64 34.70
C VAL A 395 1.11 4.52 35.43
N GLU A 396 1.13 4.52 36.77
CA GLU A 396 0.16 5.29 37.52
C GLU A 396 0.36 6.79 37.26
N ARG A 397 1.61 7.27 37.27
CA ARG A 397 1.88 8.68 37.01
C ARG A 397 1.37 9.11 35.64
N LEU A 398 1.65 8.30 34.60
CA LEU A 398 1.32 8.63 33.21
C LEU A 398 -0.20 8.68 33.01
N VAL A 399 -0.93 7.88 33.81
CA VAL A 399 -2.39 7.94 33.81
C VAL A 399 -2.90 9.13 34.61
N GLU A 400 -2.42 9.25 35.86
CA GLU A 400 -3.03 10.12 36.86
C GLU A 400 -2.56 11.58 36.72
N ASP A 401 -1.27 11.82 36.46
CA ASP A 401 -0.72 13.15 36.34
C ASP A 401 -0.99 13.67 34.92
N ALA A 402 -1.90 14.65 34.80
CA ALA A 402 -2.37 15.13 33.51
C ALA A 402 -1.31 15.88 32.70
N SER A 403 -0.16 16.22 33.31
CA SER A 403 0.88 16.96 32.61
C SER A 403 1.44 16.13 31.45
N TYR A 404 1.49 14.79 31.63
CA TYR A 404 1.99 13.86 30.61
C TYR A 404 1.10 13.92 29.37
N ARG A 405 -0.21 13.68 29.53
CA ARG A 405 -1.18 13.77 28.45
C ARG A 405 -1.12 15.13 27.73
N GLU A 406 -1.03 16.23 28.49
CA GLU A 406 -0.98 17.59 27.98
C GLU A 406 0.28 17.80 27.14
N ALA A 407 1.43 17.34 27.64
CA ALA A 407 2.66 17.39 26.85
C ALA A 407 2.50 16.57 25.57
N ALA A 408 2.00 15.34 25.72
CA ALA A 408 1.85 14.44 24.58
C ALA A 408 0.98 15.08 23.50
N GLU A 409 -0.10 15.74 23.93
CA GLU A 409 -1.02 16.44 23.05
C GLU A 409 -0.32 17.52 22.25
N ARG A 410 0.61 18.24 22.88
CA ARG A 410 1.38 19.28 22.19
C ARG A 410 2.28 18.68 21.09
N LEU A 411 2.91 17.52 21.37
CA LEU A 411 3.72 16.82 20.39
C LEU A 411 2.87 16.32 19.23
N ARG A 412 1.70 15.77 19.56
CA ARG A 412 0.72 15.44 18.53
C ARG A 412 0.43 16.66 17.65
N GLU A 413 0.18 17.83 18.26
CA GLU A 413 -0.17 19.05 17.52
C GLU A 413 1.00 19.48 16.61
N GLU A 414 2.22 19.32 17.11
CA GLU A 414 3.38 19.59 16.27
C GLU A 414 3.38 18.66 15.06
N ASN A 415 3.12 17.36 15.26
CA ASN A 415 3.13 16.41 14.16
C ASN A 415 2.07 16.85 13.14
N GLN A 416 0.86 17.21 13.61
CA GLN A 416 -0.25 17.55 12.74
C GLN A 416 -0.04 18.87 12.02
N ARG A 417 0.94 19.68 12.43
CA ARG A 417 1.23 20.90 11.72
C ARG A 417 2.34 20.65 10.70
N THR A 418 2.99 19.48 10.76
CA THR A 418 4.03 19.17 9.79
C THR A 418 3.41 18.80 8.43
N PRO A 419 4.00 19.26 7.31
CA PRO A 419 3.51 18.86 5.98
C PRO A 419 3.46 17.34 5.80
N THR A 420 2.36 16.88 5.21
CA THR A 420 2.17 15.47 4.92
C THR A 420 3.12 15.05 3.82
N PRO A 421 3.33 13.73 3.62
CA PRO A 421 3.97 13.22 2.41
C PRO A 421 3.39 13.78 1.11
N HIS A 422 2.07 13.83 1.03
CA HIS A 422 1.38 14.47 -0.09
C HIS A 422 1.94 15.87 -0.32
N ASP A 423 2.02 16.67 0.75
CA ASP A 423 2.44 18.07 0.63
C ASP A 423 3.90 18.17 0.22
N VAL A 424 4.75 17.20 0.60
CA VAL A 424 6.16 17.33 0.31
C VAL A 424 6.55 16.65 -1.02
N VAL A 425 5.57 16.16 -1.81
CA VAL A 425 5.91 15.50 -3.08
C VAL A 425 6.55 16.52 -4.03
N PRO A 426 5.91 17.69 -4.30
CA PRO A 426 6.51 18.72 -5.16
C PRO A 426 7.93 19.12 -4.73
N VAL A 427 8.16 19.21 -3.42
CA VAL A 427 9.47 19.52 -2.88
C VAL A 427 10.48 18.44 -3.26
N ILE A 428 10.08 17.17 -3.20
CA ILE A 428 11.01 16.08 -3.52
C ILE A 428 11.28 16.07 -5.03
N GLU A 429 10.26 16.40 -5.83
CA GLU A 429 10.37 16.56 -7.27
C GLU A 429 11.40 17.62 -7.65
N GLU A 430 11.33 18.83 -7.08
CA GLU A 430 12.28 19.86 -7.51
C GLU A 430 13.67 19.61 -6.93
N LEU A 431 13.80 19.03 -5.72
CA LEU A 431 15.12 18.65 -5.23
C LEU A 431 15.76 17.60 -6.14
N THR A 432 14.94 16.81 -6.84
CA THR A 432 15.43 15.78 -7.74
C THR A 432 15.89 16.40 -9.06
N ALA A 433 15.12 17.35 -9.61
CA ALA A 433 15.54 18.12 -10.77
C ALA A 433 16.90 18.82 -10.51
N GLU A 434 17.05 19.40 -9.32
CA GLU A 434 18.26 20.10 -8.89
C GLU A 434 19.49 19.18 -8.82
N HIS A 435 19.37 17.97 -8.22
CA HIS A 435 20.51 17.12 -7.88
C HIS A 435 20.70 15.94 -8.84
N GLY A 436 21.95 15.45 -8.92
CA GLY A 436 22.32 14.52 -9.97
C GLY A 436 21.88 15.04 -11.35
N ARG A 437 21.58 14.12 -12.27
CA ARG A 437 21.17 14.51 -13.62
C ARG A 437 19.76 15.12 -13.57
N SER B 19 -8.88 19.40 6.16
CA SER B 19 -8.42 18.84 7.47
C SER B 19 -8.92 17.39 7.60
N HIS B 20 -8.67 16.79 8.77
CA HIS B 20 -8.46 15.35 8.88
C HIS B 20 -9.77 14.55 8.76
N MET B 21 -9.79 13.54 7.88
CA MET B 21 -11.00 12.78 7.55
C MET B 21 -10.82 11.31 7.90
N ARG B 22 -11.94 10.66 8.23
CA ARG B 22 -12.08 9.21 8.28
C ARG B 22 -12.80 8.80 6.99
N ILE B 23 -12.14 7.95 6.20
CA ILE B 23 -12.62 7.53 4.90
C ILE B 23 -12.79 6.02 4.88
N LEU B 24 -14.02 5.57 4.60
CA LEU B 24 -14.32 4.15 4.51
C LEU B 24 -14.48 3.79 3.04
N PHE B 25 -13.58 2.92 2.54
CA PHE B 25 -13.75 2.33 1.24
C PHE B 25 -14.56 1.07 1.39
N ALA B 26 -15.50 0.83 0.45
CA ALA B 26 -16.28 -0.41 0.46
C ALA B 26 -16.22 -1.10 -0.90
N THR B 27 -15.98 -2.41 -0.89
CA THR B 27 -15.99 -3.20 -2.11
C THR B 27 -16.56 -4.59 -1.83
N VAL B 28 -17.25 -5.12 -2.85
CA VAL B 28 -17.58 -6.53 -2.95
C VAL B 28 -16.30 -7.35 -2.88
N SER B 29 -16.43 -8.66 -2.61
CA SER B 29 -15.27 -9.48 -2.31
C SER B 29 -14.60 -9.98 -3.60
N GLU B 30 -14.18 -9.04 -4.45
CA GLU B 30 -13.44 -9.37 -5.66
C GLU B 30 -12.08 -8.71 -5.56
N LYS B 31 -10.99 -9.51 -5.54
CA LYS B 31 -9.63 -8.97 -5.59
C LYS B 31 -9.48 -7.93 -6.71
N SER B 32 -10.05 -8.23 -7.87
CA SER B 32 -9.77 -7.42 -9.06
C SER B 32 -10.36 -6.02 -8.91
N HIS B 33 -11.53 -5.95 -8.26
CA HIS B 33 -12.20 -4.68 -8.03
C HIS B 33 -11.41 -3.91 -6.98
N LEU B 34 -10.96 -4.62 -5.93
CA LEU B 34 -10.23 -4.02 -4.83
C LEU B 34 -9.01 -3.29 -5.37
N PHE B 35 -8.21 -3.97 -6.20
CA PHE B 35 -6.95 -3.45 -6.69
C PHE B 35 -7.14 -2.15 -7.48
N THR B 36 -8.33 -1.95 -8.08
CA THR B 36 -8.59 -0.72 -8.83
C THR B 36 -8.68 0.48 -7.89
N MET B 37 -8.93 0.22 -6.60
CA MET B 37 -9.24 1.27 -5.64
C MET B 37 -8.00 1.66 -4.82
N VAL B 38 -6.93 0.90 -4.95
CA VAL B 38 -5.81 1.01 -4.04
C VAL B 38 -5.07 2.33 -4.19
N PRO B 39 -4.65 2.76 -5.41
CA PRO B 39 -3.97 4.05 -5.59
C PRO B 39 -4.73 5.25 -5.03
N LEU B 40 -6.06 5.29 -5.26
CA LEU B 40 -6.83 6.37 -4.66
C LEU B 40 -6.82 6.29 -3.13
N ALA B 41 -6.93 5.08 -2.57
CA ALA B 41 -6.94 4.91 -1.13
C ALA B 41 -5.65 5.44 -0.55
N TRP B 42 -4.53 5.09 -1.19
CA TRP B 42 -3.24 5.50 -0.69
C TRP B 42 -3.00 7.00 -0.85
N SER B 43 -3.55 7.63 -1.90
CA SER B 43 -3.41 9.06 -2.09
C SER B 43 -4.08 9.84 -0.96
N LEU B 44 -5.24 9.35 -0.50
CA LEU B 44 -5.98 9.97 0.59
C LEU B 44 -5.26 9.75 1.92
N ALA B 45 -4.75 8.52 2.16
CA ALA B 45 -3.94 8.24 3.33
C ALA B 45 -2.65 9.07 3.36
N ALA B 46 -1.97 9.25 2.21
CA ALA B 46 -0.75 10.03 2.15
C ALA B 46 -0.98 11.51 2.47
N ALA B 47 -2.23 11.98 2.34
CA ALA B 47 -2.61 13.33 2.73
C ALA B 47 -3.02 13.40 4.21
N GLY B 48 -2.85 12.32 4.97
CA GLY B 48 -2.99 12.35 6.42
C GLY B 48 -4.34 11.83 6.91
N HIS B 49 -5.25 11.47 5.98
CA HIS B 49 -6.56 10.93 6.34
C HIS B 49 -6.43 9.47 6.75
N GLU B 50 -7.38 9.02 7.59
CA GLU B 50 -7.50 7.63 7.98
C GLU B 50 -8.37 6.90 6.97
N VAL B 51 -7.80 5.83 6.39
CA VAL B 51 -8.49 5.04 5.40
C VAL B 51 -8.58 3.60 5.90
N HIS B 52 -9.82 3.10 5.99
CA HIS B 52 -10.12 1.69 6.24
C HIS B 52 -10.88 1.15 5.03
N VAL B 53 -10.64 -0.12 4.67
CA VAL B 53 -11.31 -0.79 3.57
C VAL B 53 -12.14 -1.95 4.11
N ALA B 54 -13.43 -1.93 3.79
CA ALA B 54 -14.38 -2.93 4.30
C ALA B 54 -14.87 -3.81 3.15
N SER B 55 -14.90 -5.12 3.42
CA SER B 55 -15.46 -6.13 2.55
C SER B 55 -15.73 -7.38 3.38
N ASN B 56 -16.27 -8.41 2.73
CA ASN B 56 -16.50 -9.70 3.36
C ASN B 56 -15.17 -10.27 3.87
N PRO B 57 -15.20 -11.21 4.85
CA PRO B 57 -13.99 -11.84 5.38
C PRO B 57 -13.02 -12.47 4.37
N ALA B 58 -13.57 -12.98 3.26
CA ALA B 58 -12.79 -13.59 2.19
C ALA B 58 -11.80 -12.60 1.55
N LEU B 59 -12.08 -11.29 1.61
CA LEU B 59 -11.18 -10.32 1.00
C LEU B 59 -10.13 -9.81 1.99
N THR B 60 -10.24 -10.22 3.25
CA THR B 60 -9.39 -9.67 4.30
C THR B 60 -7.89 -9.83 3.94
N ALA B 61 -7.47 -11.02 3.49
CA ALA B 61 -6.06 -11.25 3.22
C ALA B 61 -5.60 -10.40 2.05
N SER B 62 -6.44 -10.23 1.03
CA SER B 62 -6.11 -9.41 -0.13
C SER B 62 -6.00 -7.93 0.23
N ILE B 63 -6.89 -7.44 1.10
CA ILE B 63 -6.81 -6.06 1.58
C ILE B 63 -5.50 -5.87 2.33
N LYS B 64 -5.14 -6.86 3.16
CA LYS B 64 -3.97 -6.73 4.02
C LYS B 64 -2.69 -6.59 3.20
N SER B 65 -2.61 -7.24 2.03
CA SER B 65 -1.41 -7.16 1.20
C SER B 65 -1.42 -5.94 0.24
N THR B 66 -2.38 -5.01 0.37
CA THR B 66 -2.35 -3.73 -0.32
C THR B 66 -1.72 -2.61 0.52
N GLY B 67 -1.37 -2.94 1.78
CA GLY B 67 -0.86 -1.94 2.71
C GLY B 67 -1.95 -1.28 3.55
N LEU B 68 -3.22 -1.48 3.17
CA LEU B 68 -4.33 -0.73 3.75
C LEU B 68 -4.98 -1.56 4.86
N THR B 69 -5.62 -0.85 5.79
CA THR B 69 -6.26 -1.46 6.94
C THR B 69 -7.57 -2.14 6.51
N ALA B 70 -7.73 -3.43 6.84
CA ALA B 70 -8.92 -4.21 6.48
C ALA B 70 -9.95 -4.17 7.59
N VAL B 71 -11.22 -4.07 7.20
CA VAL B 71 -12.35 -4.22 8.09
C VAL B 71 -13.21 -5.36 7.56
N PRO B 72 -13.14 -6.59 8.15
CA PRO B 72 -14.07 -7.65 7.76
C PRO B 72 -15.49 -7.36 8.31
N VAL B 73 -16.47 -7.33 7.41
CA VAL B 73 -17.87 -7.10 7.75
C VAL B 73 -18.70 -8.25 7.17
N GLY B 74 -19.74 -8.64 7.92
CA GLY B 74 -20.75 -9.56 7.44
C GLY B 74 -20.19 -10.97 7.30
N LYS B 75 -20.81 -11.76 6.43
CA LYS B 75 -20.28 -13.09 6.12
C LYS B 75 -20.06 -13.21 4.61
N ASP B 76 -19.40 -14.32 4.23
CA ASP B 76 -19.03 -14.55 2.85
C ASP B 76 -20.27 -15.01 2.09
N HIS B 77 -20.24 -14.83 0.77
CA HIS B 77 -21.28 -15.33 -0.09
C HIS B 77 -20.72 -16.53 -0.86
N ASN B 78 -21.65 -17.28 -1.44
CA ASN B 78 -21.39 -18.57 -2.06
C ASN B 78 -20.85 -18.36 -3.47
N LEU B 79 -20.61 -17.09 -3.84
CA LEU B 79 -20.81 -16.67 -5.21
C LEU B 79 -19.62 -17.05 -6.10
N HIS B 80 -18.38 -17.00 -5.58
CA HIS B 80 -17.24 -17.38 -6.39
C HIS B 80 -16.87 -18.86 -6.15
N GLU B 81 -17.60 -19.53 -5.26
CA GLU B 81 -17.60 -20.99 -5.15
C GLU B 81 -18.59 -21.58 -6.16
N MET B 82 -19.46 -20.72 -6.71
CA MET B 82 -20.46 -21.09 -7.70
C MET B 82 -19.88 -21.04 -9.12
N LEU B 83 -19.28 -19.90 -9.48
CA LEU B 83 -18.96 -19.60 -10.87
C LEU B 83 -17.73 -20.37 -11.36
N THR B 84 -17.03 -21.07 -10.45
CA THR B 84 -15.81 -21.81 -10.76
C THR B 84 -16.07 -23.32 -10.88
N GLU B 85 -17.21 -23.80 -10.34
CA GLU B 85 -17.75 -25.11 -10.66
C GLU B 85 -18.88 -24.96 -11.69
N ASN B 86 -18.63 -24.11 -12.70
CA ASN B 86 -19.65 -23.65 -13.63
C ASN B 86 -19.40 -24.33 -14.97
N ARG B 87 -18.22 -24.08 -15.56
CA ARG B 87 -17.75 -24.73 -16.78
C ARG B 87 -18.71 -24.38 -17.94
N ASP B 88 -18.96 -23.08 -18.11
CA ASP B 88 -20.18 -22.58 -18.74
C ASP B 88 -20.19 -21.05 -18.66
N SER B 89 -20.65 -20.42 -19.73
CA SER B 89 -20.53 -18.97 -19.91
C SER B 89 -21.51 -18.22 -19.00
N LEU B 90 -21.06 -17.05 -18.52
CA LEU B 90 -21.88 -16.16 -17.71
C LEU B 90 -22.74 -15.24 -18.58
N GLU B 91 -22.35 -15.04 -19.83
CA GLU B 91 -23.05 -14.15 -20.74
C GLU B 91 -24.50 -14.62 -20.88
N ASN B 92 -25.41 -13.63 -20.88
CA ASN B 92 -26.83 -13.88 -20.77
C ASN B 92 -27.55 -12.62 -21.25
N PRO B 93 -28.56 -12.71 -22.16
CA PRO B 93 -29.31 -11.54 -22.60
C PRO B 93 -29.79 -10.60 -21.48
N LEU B 94 -30.05 -11.12 -20.28
CA LEU B 94 -30.56 -10.33 -19.17
C LEU B 94 -29.44 -9.62 -18.41
N SER B 95 -28.18 -10.08 -18.53
CA SER B 95 -27.05 -9.49 -17.83
C SER B 95 -26.07 -8.83 -18.82
N ASP B 96 -26.48 -8.77 -20.09
CA ASP B 96 -25.81 -8.01 -21.13
C ASP B 96 -26.25 -6.54 -21.05
N TRP B 97 -25.37 -5.71 -20.48
CA TRP B 97 -25.58 -4.28 -20.32
C TRP B 97 -24.63 -3.50 -21.21
N SER B 98 -24.05 -4.17 -22.23
CA SER B 98 -23.07 -3.56 -23.13
C SER B 98 -23.67 -2.47 -24.02
N THR B 99 -25.00 -2.47 -24.19
CA THR B 99 -25.67 -1.50 -25.04
C THR B 99 -26.86 -0.89 -24.28
N PRO B 100 -26.59 0.01 -23.31
CA PRO B 100 -27.64 0.70 -22.55
C PRO B 100 -28.16 1.94 -23.28
N GLU B 101 -28.97 1.68 -24.32
CA GLU B 101 -29.66 2.70 -25.11
C GLU B 101 -31.16 2.46 -25.01
N LEU B 102 -31.93 3.56 -25.07
CA LEU B 102 -33.39 3.52 -25.13
C LEU B 102 -33.89 2.76 -26.36
N ASP B 103 -33.12 2.80 -27.46
CA ASP B 103 -33.48 2.14 -28.71
C ASP B 103 -33.42 0.61 -28.61
N ARG B 104 -32.84 0.06 -27.54
CA ARG B 104 -32.73 -1.39 -27.44
C ARG B 104 -33.40 -1.89 -26.17
N HIS B 105 -34.15 -1.01 -25.50
CA HIS B 105 -34.76 -1.32 -24.21
C HIS B 105 -36.15 -0.70 -24.12
N SER B 106 -37.18 -1.52 -24.34
CA SER B 106 -38.53 -1.18 -23.92
C SER B 106 -38.55 -1.05 -22.41
N TRP B 107 -39.62 -0.50 -21.85
CA TRP B 107 -39.75 -0.37 -20.41
C TRP B 107 -39.54 -1.73 -19.73
N GLU B 108 -40.13 -2.79 -20.30
CA GLU B 108 -40.23 -4.08 -19.62
C GLU B 108 -38.89 -4.80 -19.69
N GLN B 109 -38.10 -4.52 -20.73
CA GLN B 109 -36.75 -5.07 -20.87
C GLN B 109 -35.77 -4.44 -19.87
N VAL B 110 -35.91 -3.13 -19.55
CA VAL B 110 -35.03 -2.48 -18.61
C VAL B 110 -35.41 -2.89 -17.20
N LEU B 111 -36.70 -2.88 -16.91
CA LEU B 111 -37.22 -3.30 -15.61
C LEU B 111 -36.68 -4.70 -15.30
N MET B 112 -36.73 -5.59 -16.30
CA MET B 112 -36.38 -6.98 -16.12
C MET B 112 -34.89 -7.10 -15.79
N LYS B 113 -34.07 -6.30 -16.50
CA LYS B 113 -32.62 -6.29 -16.35
C LYS B 113 -32.21 -5.86 -14.94
N PHE B 114 -32.97 -4.90 -14.36
CA PHE B 114 -32.74 -4.48 -12.99
C PHE B 114 -33.23 -5.55 -12.02
N LYS B 115 -34.30 -6.27 -12.39
CA LYS B 115 -34.88 -7.24 -11.49
C LYS B 115 -33.91 -8.38 -11.30
N VAL B 116 -33.30 -8.87 -12.38
CA VAL B 116 -32.40 -10.00 -12.32
C VAL B 116 -31.07 -9.58 -11.69
N SER B 117 -30.56 -8.38 -12.04
CA SER B 117 -29.25 -7.95 -11.59
C SER B 117 -29.26 -7.70 -10.08
N VAL B 118 -30.38 -7.14 -9.56
CA VAL B 118 -30.53 -6.87 -8.14
C VAL B 118 -30.67 -8.17 -7.37
N MET B 119 -31.49 -9.07 -7.92
CA MET B 119 -31.86 -10.33 -7.31
C MET B 119 -30.68 -11.31 -7.27
N PHE B 120 -29.96 -11.42 -8.40
CA PHE B 120 -28.98 -12.48 -8.61
C PHE B 120 -27.54 -11.95 -8.63
N ALA B 121 -27.32 -10.65 -8.38
CA ALA B 121 -25.96 -10.15 -8.26
C ALA B 121 -25.83 -9.23 -7.05
N TYR B 122 -26.51 -8.07 -7.06
CA TYR B 122 -26.24 -7.04 -6.07
C TYR B 122 -26.58 -7.53 -4.66
N GLN B 123 -27.72 -8.23 -4.51
CA GLN B 123 -28.19 -8.73 -3.22
C GLN B 123 -27.26 -9.80 -2.67
N THR B 124 -26.80 -10.71 -3.54
CA THR B 124 -25.85 -11.73 -3.12
C THR B 124 -24.55 -11.06 -2.66
N TYR B 125 -24.11 -10.00 -3.35
CA TYR B 125 -22.83 -9.35 -3.12
C TYR B 125 -22.85 -8.48 -1.87
N ASN B 126 -24.02 -7.89 -1.55
CA ASN B 126 -24.10 -6.82 -0.57
C ASN B 126 -24.89 -7.21 0.69
N ASP B 127 -25.98 -8.00 0.54
CA ASP B 127 -26.87 -8.32 1.66
C ASP B 127 -26.16 -9.13 2.76
N CYS B 128 -25.10 -9.85 2.40
CA CYS B 128 -24.29 -10.63 3.33
C CYS B 128 -23.54 -9.71 4.33
N MET B 129 -23.38 -8.42 3.99
CA MET B 129 -22.52 -7.53 4.77
C MET B 129 -23.11 -6.14 5.00
N VAL B 130 -24.30 -5.84 4.47
CA VAL B 130 -24.79 -4.47 4.50
C VAL B 130 -25.10 -4.01 5.92
N HIS B 131 -25.72 -4.86 6.75
CA HIS B 131 -26.11 -4.43 8.11
C HIS B 131 -24.87 -4.29 9.00
N GLU B 132 -23.89 -5.17 8.81
CA GLU B 132 -22.60 -5.10 9.49
C GLU B 132 -21.79 -3.89 9.00
N LEU B 133 -21.95 -3.47 7.74
CA LEU B 133 -21.26 -2.29 7.25
C LEU B 133 -21.86 -1.03 7.88
N VAL B 134 -23.20 -0.92 7.86
CA VAL B 134 -23.91 0.19 8.48
C VAL B 134 -23.49 0.32 9.94
N ASP B 135 -23.47 -0.82 10.63
CA ASP B 135 -23.06 -0.93 12.01
C ASP B 135 -21.62 -0.43 12.20
N TYR B 136 -20.69 -0.79 11.30
CA TYR B 136 -19.32 -0.31 11.43
C TYR B 136 -19.26 1.21 11.20
N ALA B 137 -20.04 1.74 10.25
CA ALA B 137 -20.03 3.16 9.96
C ALA B 137 -20.60 3.95 11.15
N ARG B 138 -21.58 3.34 11.84
CA ARG B 138 -22.16 3.95 13.03
C ARG B 138 -21.13 4.10 14.13
N HIS B 139 -20.28 3.08 14.32
CA HIS B 139 -19.21 3.09 15.30
C HIS B 139 -18.12 4.09 14.89
N TRP B 140 -17.63 3.99 13.64
CA TRP B 140 -16.42 4.70 13.20
C TRP B 140 -16.70 6.14 12.79
N GLN B 141 -17.92 6.42 12.31
CA GLN B 141 -18.35 7.74 11.88
C GLN B 141 -17.42 8.25 10.78
N PRO B 142 -17.31 7.54 9.63
CA PRO B 142 -16.56 8.08 8.49
C PRO B 142 -17.23 9.37 8.02
N ASP B 143 -16.37 10.34 7.65
CA ASP B 143 -16.82 11.54 6.98
C ASP B 143 -17.20 11.24 5.54
N LEU B 144 -16.60 10.17 4.96
CA LEU B 144 -16.67 9.86 3.52
C LEU B 144 -16.63 8.36 3.28
N VAL B 145 -17.51 7.90 2.40
CA VAL B 145 -17.48 6.54 1.91
C VAL B 145 -17.24 6.54 0.41
N ILE B 146 -16.21 5.80 -0.03
CA ILE B 146 -15.95 5.60 -1.44
C ILE B 146 -16.19 4.13 -1.76
N TRP B 147 -17.08 3.91 -2.72
CA TRP B 147 -17.59 2.57 -2.97
C TRP B 147 -17.33 2.14 -4.41
N ASP B 148 -17.02 0.85 -4.57
CA ASP B 148 -16.95 0.21 -5.87
C ASP B 148 -18.37 0.28 -6.45
N PRO B 149 -18.53 0.47 -7.78
CA PRO B 149 -19.85 0.71 -8.38
C PRO B 149 -20.99 -0.32 -8.23
N VAL B 150 -20.69 -1.55 -7.75
CA VAL B 150 -21.77 -2.48 -7.47
C VAL B 150 -21.82 -2.80 -5.97
N THR B 151 -21.08 -2.02 -5.16
CA THR B 151 -21.07 -2.20 -3.73
C THR B 151 -22.07 -1.24 -3.09
N TYR B 152 -23.35 -1.49 -3.38
CA TYR B 152 -24.43 -0.62 -2.98
C TYR B 152 -24.63 -0.63 -1.46
N ALA B 153 -23.98 -1.54 -0.74
CA ALA B 153 -24.00 -1.50 0.71
C ALA B 153 -23.27 -0.24 1.20
N GLY B 154 -22.38 0.29 0.36
CA GLY B 154 -21.56 1.43 0.75
C GLY B 154 -22.39 2.70 0.94
N PRO B 155 -23.14 3.12 -0.09
CA PRO B 155 -23.95 4.33 0.01
C PRO B 155 -25.03 4.23 1.08
N VAL B 156 -25.60 3.04 1.27
CA VAL B 156 -26.57 2.79 2.33
C VAL B 156 -25.97 3.12 3.69
N ALA B 157 -24.74 2.64 3.91
CA ALA B 157 -24.07 2.87 5.19
C ALA B 157 -23.78 4.36 5.34
N ALA B 158 -23.32 5.01 4.25
CA ALA B 158 -22.98 6.43 4.28
C ALA B 158 -24.22 7.26 4.62
N ARG B 159 -25.34 6.98 3.95
CA ARG B 159 -26.55 7.75 4.12
C ARG B 159 -27.04 7.68 5.56
N VAL B 160 -26.99 6.48 6.17
CA VAL B 160 -27.42 6.24 7.53
C VAL B 160 -26.63 7.10 8.53
N VAL B 161 -25.35 7.42 8.24
CA VAL B 161 -24.56 8.27 9.12
C VAL B 161 -24.37 9.70 8.53
N GLY B 162 -25.07 10.02 7.44
CA GLY B 162 -24.96 11.34 6.83
C GLY B 162 -23.58 11.63 6.21
N ALA B 163 -22.82 10.59 5.87
CA ALA B 163 -21.49 10.76 5.29
C ALA B 163 -21.64 11.08 3.82
N ALA B 164 -20.69 11.86 3.30
CA ALA B 164 -20.58 11.97 1.86
C ALA B 164 -20.25 10.58 1.28
N HIS B 165 -20.57 10.38 0.02
CA HIS B 165 -20.14 9.17 -0.66
C HIS B 165 -20.03 9.40 -2.16
N ALA B 166 -19.12 8.64 -2.78
CA ALA B 166 -18.86 8.68 -4.20
C ALA B 166 -18.53 7.27 -4.70
N ARG B 167 -18.95 6.94 -5.93
CA ARG B 167 -18.44 5.75 -6.60
C ARG B 167 -17.02 6.03 -7.07
N LEU B 168 -16.19 4.97 -7.11
CA LEU B 168 -14.90 4.99 -7.80
C LEU B 168 -14.92 3.94 -8.91
N LEU B 169 -14.85 4.41 -10.17
CA LEU B 169 -15.15 3.59 -11.33
C LEU B 169 -13.90 2.90 -11.88
N TRP B 170 -14.02 1.57 -12.01
CA TRP B 170 -13.12 0.79 -12.85
C TRP B 170 -13.77 0.56 -14.21
N CYS B 171 -15.02 1.05 -14.36
CA CYS B 171 -15.91 0.62 -15.44
C CYS B 171 -16.25 1.75 -16.42
N ILE B 172 -16.36 1.39 -17.71
CA ILE B 172 -17.21 2.12 -18.63
C ILE B 172 -18.61 2.01 -18.05
N ASP B 173 -19.26 3.16 -17.86
CA ASP B 173 -20.27 3.34 -16.81
C ASP B 173 -21.62 2.87 -17.35
N ILE B 174 -21.67 1.59 -17.73
CA ILE B 174 -22.90 0.95 -18.11
C ILE B 174 -23.94 0.97 -17.00
N TYR B 175 -23.50 1.03 -15.73
CA TYR B 175 -24.40 0.91 -14.60
C TYR B 175 -25.26 2.16 -14.50
N ALA B 176 -24.61 3.35 -14.54
CA ALA B 176 -25.32 4.62 -14.53
C ALA B 176 -26.11 4.85 -15.82
N LYS B 177 -25.61 4.37 -16.96
CA LYS B 177 -26.27 4.66 -18.22
C LYS B 177 -27.56 3.86 -18.35
N MET B 178 -27.51 2.56 -18.00
CA MET B 178 -28.69 1.71 -17.93
C MET B 178 -29.68 2.25 -16.89
N ARG B 179 -29.18 2.90 -15.82
CA ARG B 179 -30.03 3.56 -14.84
C ARG B 179 -30.73 4.78 -15.45
N GLU B 180 -30.08 5.44 -16.41
CA GLU B 180 -30.64 6.59 -17.13
C GLU B 180 -31.74 6.07 -18.05
N VAL B 181 -31.45 4.98 -18.76
CA VAL B 181 -32.43 4.35 -19.63
C VAL B 181 -33.62 3.89 -18.81
N PHE B 182 -33.37 3.46 -17.57
CA PHE B 182 -34.43 2.89 -16.74
C PHE B 182 -35.40 4.00 -16.31
N LEU B 183 -34.85 5.10 -15.77
CA LEU B 183 -35.62 6.21 -15.22
C LEU B 183 -36.40 6.95 -16.32
N ALA B 184 -35.88 6.96 -17.55
CA ALA B 184 -36.55 7.57 -18.69
C ALA B 184 -37.81 6.78 -19.04
N ARG B 185 -37.70 5.44 -19.05
CA ARG B 185 -38.83 4.54 -19.31
C ARG B 185 -39.79 4.48 -18.12
N LEU B 186 -39.30 4.77 -16.91
CA LEU B 186 -40.12 4.79 -15.71
C LEU B 186 -41.10 5.97 -15.77
N ALA B 187 -40.61 7.11 -16.28
CA ALA B 187 -41.40 8.32 -16.32
C ALA B 187 -42.53 8.20 -17.36
N GLU B 188 -42.38 7.30 -18.34
CA GLU B 188 -43.36 7.13 -19.41
C GLU B 188 -44.54 6.23 -19.01
N GLN B 189 -44.43 5.52 -17.89
CA GLN B 189 -45.45 4.54 -17.52
C GLN B 189 -46.53 5.21 -16.68
N PRO B 190 -47.80 4.71 -16.73
CA PRO B 190 -48.84 5.19 -15.83
C PRO B 190 -48.51 4.82 -14.39
N GLU B 191 -49.12 5.56 -13.45
CA GLU B 191 -48.74 5.58 -12.05
C GLU B 191 -48.80 4.19 -11.40
N GLU B 192 -49.77 3.38 -11.83
CA GLU B 192 -50.10 2.14 -11.13
C GLU B 192 -49.19 0.99 -11.59
N ARG B 193 -48.24 1.26 -12.49
CA ARG B 193 -47.26 0.25 -12.85
C ARG B 193 -45.85 0.84 -12.88
N ARG B 194 -45.63 1.90 -12.10
CA ARG B 194 -44.30 2.27 -11.69
C ARG B 194 -43.77 1.22 -10.72
N GLU B 195 -42.53 0.82 -10.92
CA GLU B 195 -41.86 -0.11 -10.01
C GLU B 195 -40.36 0.06 -10.21
N ASP B 196 -39.59 0.02 -9.11
CA ASP B 196 -38.15 0.24 -9.16
C ASP B 196 -37.48 -0.78 -8.23
N PRO B 197 -36.85 -1.86 -8.76
CA PRO B 197 -36.18 -2.87 -7.93
C PRO B 197 -35.06 -2.37 -7.01
N MET B 198 -34.30 -1.34 -7.47
CA MET B 198 -33.29 -0.64 -6.67
C MET B 198 -33.93 0.15 -5.52
N ALA B 199 -35.09 0.78 -5.76
CA ALA B 199 -35.76 1.57 -4.73
C ALA B 199 -36.28 0.65 -3.63
N ASP B 200 -36.94 -0.44 -4.04
CA ASP B 200 -37.54 -1.40 -3.13
C ASP B 200 -36.44 -1.97 -2.22
N TRP B 201 -35.38 -2.52 -2.86
CA TRP B 201 -34.30 -3.21 -2.15
C TRP B 201 -33.59 -2.28 -1.18
N LEU B 202 -33.00 -1.20 -1.72
CA LEU B 202 -32.16 -0.30 -0.94
C LEU B 202 -33.00 0.63 -0.05
N GLY B 203 -34.17 1.07 -0.55
CA GLY B 203 -35.13 1.79 0.25
C GLY B 203 -35.66 0.95 1.42
N GLY B 204 -35.90 -0.35 1.16
CA GLY B 204 -36.22 -1.30 2.20
C GLY B 204 -35.18 -1.29 3.32
N ILE B 205 -33.91 -1.49 2.96
CA ILE B 205 -32.83 -1.50 3.95
C ILE B 205 -32.74 -0.15 4.66
N LEU B 206 -32.80 0.95 3.91
CA LEU B 206 -32.69 2.27 4.50
C LEU B 206 -33.91 2.58 5.38
N GLY B 207 -35.10 2.13 4.95
CA GLY B 207 -36.34 2.28 5.72
C GLY B 207 -36.24 1.65 7.11
N ARG B 208 -35.51 0.53 7.21
CA ARG B 208 -35.31 -0.18 8.46
C ARG B 208 -34.55 0.71 9.46
N TYR B 209 -33.88 1.77 8.97
CA TYR B 209 -33.00 2.60 9.79
C TYR B 209 -33.57 4.02 9.97
N GLY B 210 -34.77 4.26 9.40
CA GLY B 210 -35.43 5.55 9.49
C GLY B 210 -34.94 6.56 8.45
N HIS B 211 -34.41 6.06 7.31
CA HIS B 211 -33.97 6.90 6.21
C HIS B 211 -34.75 6.58 4.96
N THR B 212 -34.86 7.56 4.06
CA THR B 212 -35.56 7.36 2.80
C THR B 212 -34.56 6.98 1.70
N PHE B 213 -35.08 6.36 0.65
CA PHE B 213 -34.32 6.16 -0.57
C PHE B 213 -34.08 7.50 -1.25
N ASP B 214 -32.99 7.59 -2.03
CA ASP B 214 -32.69 8.73 -2.87
C ASP B 214 -31.80 8.24 -4.01
N GLU B 215 -31.84 8.93 -5.16
CA GLU B 215 -31.15 8.45 -6.35
C GLU B 215 -29.62 8.53 -6.21
N GLU B 216 -29.08 9.32 -5.26
CA GLU B 216 -27.65 9.37 -5.03
C GLU B 216 -27.13 8.08 -4.37
N VAL B 217 -28.05 7.20 -3.96
CA VAL B 217 -27.66 5.93 -3.38
C VAL B 217 -27.33 4.92 -4.48
N VAL B 218 -27.73 5.18 -5.73
CA VAL B 218 -27.54 4.28 -6.86
C VAL B 218 -26.32 4.67 -7.68
N VAL B 219 -26.01 5.98 -7.73
CA VAL B 219 -24.95 6.52 -8.59
C VAL B 219 -23.96 7.38 -7.80
N GLY B 220 -24.11 7.43 -6.47
CA GLY B 220 -23.26 8.27 -5.63
C GLY B 220 -23.66 9.75 -5.71
N GLN B 221 -23.14 10.50 -4.75
CA GLN B 221 -23.24 11.96 -4.75
C GLN B 221 -22.35 12.54 -5.84
N TRP B 222 -21.13 12.01 -5.99
CA TRP B 222 -20.36 12.25 -7.21
C TRP B 222 -19.68 10.94 -7.64
N THR B 223 -19.08 10.96 -8.83
CA THR B 223 -18.45 9.81 -9.44
C THR B 223 -16.99 10.16 -9.71
N ILE B 224 -16.06 9.43 -9.06
CA ILE B 224 -14.63 9.49 -9.37
C ILE B 224 -14.34 8.44 -10.44
N ASP B 225 -13.77 8.85 -11.57
CA ASP B 225 -13.81 8.01 -12.76
C ASP B 225 -12.39 7.82 -13.32
N GLN B 226 -11.93 6.56 -13.30
CA GLN B 226 -10.60 6.20 -13.79
C GLN B 226 -10.59 5.92 -15.29
N ILE B 227 -11.76 5.96 -15.95
CA ILE B 227 -11.82 5.75 -17.40
C ILE B 227 -11.53 7.07 -18.12
N PRO B 228 -10.56 7.10 -19.07
CA PRO B 228 -10.35 8.28 -19.93
C PRO B 228 -11.67 8.83 -20.45
N THR B 229 -11.83 10.15 -20.40
CA THR B 229 -13.08 10.78 -20.77
C THR B 229 -13.54 10.40 -22.19
N SER B 230 -12.62 10.33 -23.16
CA SER B 230 -12.94 10.02 -24.55
C SER B 230 -13.54 8.62 -24.72
N LEU B 231 -13.50 7.77 -23.67
CA LEU B 231 -13.95 6.40 -23.76
C LEU B 231 -15.17 6.12 -22.88
N GLN B 232 -15.60 7.11 -22.11
CA GLN B 232 -16.64 6.93 -21.11
C GLN B 232 -17.97 7.38 -21.73
N LEU B 233 -19.05 6.71 -21.32
CA LEU B 233 -20.42 7.09 -21.68
C LEU B 233 -20.74 8.48 -21.13
N PRO B 234 -21.30 9.40 -21.94
CA PRO B 234 -21.79 10.69 -21.43
C PRO B 234 -23.02 10.52 -20.52
N LEU B 235 -22.96 11.14 -19.33
CA LEU B 235 -23.94 10.96 -18.27
C LEU B 235 -24.13 12.27 -17.50
N SER B 236 -25.30 12.40 -16.86
CA SER B 236 -25.62 13.51 -15.96
C SER B 236 -25.14 13.17 -14.55
N LEU B 237 -23.84 13.38 -14.32
CA LEU B 237 -23.20 13.07 -13.04
C LEU B 237 -22.28 14.22 -12.70
N ARG B 238 -22.09 14.47 -11.40
CA ARG B 238 -20.93 15.20 -10.93
C ARG B 238 -19.75 14.23 -11.04
N ARG B 239 -18.80 14.54 -11.91
CA ARG B 239 -17.80 13.58 -12.33
C ARG B 239 -16.43 14.18 -12.06
N VAL B 240 -15.61 13.47 -11.29
CA VAL B 240 -14.22 13.85 -11.08
C VAL B 240 -13.33 12.90 -11.88
N PRO B 241 -12.68 13.33 -12.99
CA PRO B 241 -11.71 12.48 -13.67
C PRO B 241 -10.52 12.23 -12.76
N VAL B 242 -10.00 10.99 -12.74
CA VAL B 242 -8.74 10.68 -12.07
C VAL B 242 -7.93 9.69 -12.93
N ARG B 243 -6.61 9.88 -12.93
CA ARG B 243 -5.73 9.06 -13.73
C ARG B 243 -5.65 7.63 -13.18
N TYR B 244 -5.76 6.64 -14.07
CA TYR B 244 -5.50 5.26 -13.71
C TYR B 244 -4.01 5.04 -13.48
N LEU B 245 -3.66 4.64 -12.25
CA LEU B 245 -2.29 4.21 -11.92
C LEU B 245 -2.33 2.68 -11.72
N PRO B 246 -1.48 1.90 -12.42
CA PRO B 246 -1.58 0.44 -12.36
C PRO B 246 -1.39 -0.06 -10.93
N HIS B 247 -2.35 -0.84 -10.42
CA HIS B 247 -2.09 -1.68 -9.28
C HIS B 247 -2.58 -3.09 -9.61
N ASN B 248 -1.64 -4.03 -9.59
CA ASN B 248 -1.84 -5.36 -10.14
C ASN B 248 -1.82 -6.41 -9.04
N GLY B 249 -1.97 -5.99 -7.79
CA GLY B 249 -1.84 -6.90 -6.68
C GLY B 249 -0.39 -7.07 -6.27
N PRO B 250 -0.09 -8.02 -5.36
CA PRO B 250 1.28 -8.25 -4.88
C PRO B 250 2.31 -8.60 -5.98
N SER B 251 3.42 -7.84 -5.99
CA SER B 251 4.26 -7.74 -7.17
C SER B 251 5.73 -7.83 -6.79
N GLU B 252 6.49 -8.70 -7.48
CA GLU B 252 7.94 -8.59 -7.50
C GLU B 252 8.46 -8.64 -8.92
N ILE B 253 9.58 -7.98 -9.11
CA ILE B 253 10.31 -7.95 -10.35
C ILE B 253 11.09 -9.24 -10.47
N PRO B 254 10.82 -10.11 -11.48
CA PRO B 254 11.66 -11.27 -11.73
C PRO B 254 12.94 -10.89 -12.50
N ASP B 255 13.99 -11.70 -12.29
CA ASP B 255 15.34 -11.49 -12.83
C ASP B 255 15.33 -11.45 -14.36
N TRP B 256 14.48 -12.28 -14.97
CA TRP B 256 14.44 -12.49 -16.42
C TRP B 256 13.83 -11.31 -17.19
N LEU B 257 13.47 -10.23 -16.50
CA LEU B 257 12.81 -9.09 -17.11
C LEU B 257 13.83 -8.13 -17.73
N ARG B 258 15.10 -8.22 -17.32
CA ARG B 258 16.16 -7.35 -17.82
C ARG B 258 16.38 -7.47 -19.34
N GLU B 259 16.30 -8.71 -19.88
CA GLU B 259 16.65 -9.00 -21.27
C GLU B 259 15.57 -8.45 -22.20
N ALA B 260 15.84 -7.35 -22.94
CA ALA B 260 14.93 -6.88 -23.99
C ALA B 260 14.81 -8.01 -25.02
N PRO B 261 13.67 -8.12 -25.74
CA PRO B 261 13.28 -9.39 -26.34
C PRO B 261 13.88 -9.75 -27.72
N GLY B 262 14.32 -8.70 -28.48
CA GLY B 262 14.89 -8.87 -29.81
C GLY B 262 13.83 -8.95 -30.91
N ARG B 263 12.56 -9.05 -30.50
CA ARG B 263 11.42 -9.17 -31.41
C ARG B 263 10.18 -8.77 -30.62
N PRO B 264 9.01 -8.62 -31.24
CA PRO B 264 7.81 -8.15 -30.52
C PRO B 264 7.40 -9.10 -29.39
N ARG B 265 7.18 -8.54 -28.20
CA ARG B 265 6.69 -9.32 -27.07
C ARG B 265 5.17 -9.28 -27.09
N VAL B 266 4.55 -10.47 -27.00
CA VAL B 266 3.11 -10.64 -26.96
C VAL B 266 2.75 -11.31 -25.63
N VAL B 267 1.87 -10.66 -24.86
CA VAL B 267 1.52 -11.07 -23.52
C VAL B 267 0.08 -11.60 -23.55
N LEU B 268 -0.15 -12.71 -22.85
CA LEU B 268 -1.45 -13.34 -22.74
C LEU B 268 -1.77 -13.56 -21.26
N THR B 269 -2.96 -13.13 -20.81
CA THR B 269 -3.43 -13.35 -19.45
C THR B 269 -4.79 -14.05 -19.45
N SER B 270 -4.81 -15.29 -18.97
CA SER B 270 -5.98 -15.91 -18.37
C SER B 270 -5.93 -15.74 -16.85
N GLY B 271 -7.05 -16.07 -16.19
CA GLY B 271 -7.15 -16.06 -14.74
C GLY B 271 -8.24 -17.01 -14.25
N VAL B 272 -8.41 -17.13 -12.92
CA VAL B 272 -9.42 -18.00 -12.33
C VAL B 272 -10.78 -17.31 -12.37
N SER B 273 -10.78 -15.99 -12.64
CA SER B 273 -12.02 -15.24 -12.83
C SER B 273 -12.36 -15.17 -14.32
N ALA B 274 -11.37 -14.89 -15.17
CA ALA B 274 -11.53 -14.96 -16.61
C ALA B 274 -12.01 -16.35 -17.03
N ARG B 275 -11.38 -17.40 -16.47
CA ARG B 275 -11.68 -18.80 -16.74
C ARG B 275 -13.12 -19.16 -16.35
N ALA B 276 -13.61 -18.57 -15.25
CA ALA B 276 -14.88 -18.93 -14.63
C ALA B 276 -16.06 -18.27 -15.32
N ALA B 277 -15.77 -17.20 -16.11
CA ALA B 277 -16.78 -16.42 -16.81
C ALA B 277 -16.90 -16.84 -18.28
N LEU B 278 -15.77 -17.00 -18.98
CA LEU B 278 -15.77 -17.32 -20.40
C LEU B 278 -16.32 -18.74 -20.62
N GLY B 279 -16.06 -19.64 -19.67
CA GLY B 279 -16.49 -21.02 -19.76
C GLY B 279 -15.48 -21.89 -20.50
N GLY B 280 -15.89 -23.13 -20.81
CA GLY B 280 -15.02 -24.11 -21.43
C GLY B 280 -15.41 -24.44 -22.87
N THR B 281 -16.32 -23.66 -23.46
CA THR B 281 -16.86 -23.95 -24.78
C THR B 281 -16.10 -23.19 -25.86
N PHE B 282 -15.26 -22.22 -25.46
CA PHE B 282 -14.59 -21.36 -26.43
C PHE B 282 -13.17 -21.88 -26.60
N MET B 283 -12.40 -21.26 -27.51
CA MET B 283 -11.09 -21.77 -27.91
C MET B 283 -10.25 -22.10 -26.68
N PRO B 284 -9.75 -23.36 -26.51
CA PRO B 284 -8.91 -23.69 -25.35
C PRO B 284 -7.63 -22.87 -25.36
N VAL B 285 -7.18 -22.52 -24.15
CA VAL B 285 -5.98 -21.73 -23.98
C VAL B 285 -4.74 -22.52 -24.42
N ALA B 286 -4.82 -23.86 -24.45
CA ALA B 286 -3.76 -24.66 -25.04
C ALA B 286 -3.61 -24.33 -26.52
N ASP B 287 -4.74 -24.19 -27.22
CA ASP B 287 -4.73 -23.94 -28.66
C ASP B 287 -4.22 -22.52 -28.95
N MET B 288 -4.42 -21.61 -28.00
CA MET B 288 -4.00 -20.23 -28.16
C MET B 288 -2.49 -20.15 -28.04
N ILE B 289 -1.93 -20.92 -27.10
CA ILE B 289 -0.49 -20.98 -26.88
C ILE B 289 0.22 -21.62 -28.08
N ASN B 290 -0.38 -22.69 -28.64
CA ASN B 290 0.16 -23.36 -29.82
C ASN B 290 0.15 -22.43 -31.03
N THR B 291 -0.90 -21.60 -31.15
CA THR B 291 -1.05 -20.68 -32.27
C THR B 291 0.00 -19.58 -32.22
N LEU B 292 0.23 -18.98 -31.04
CA LEU B 292 1.25 -17.97 -30.81
C LEU B 292 2.64 -18.58 -30.87
N GLY B 293 2.74 -19.87 -30.52
CA GLY B 293 4.00 -20.59 -30.51
C GLY B 293 4.61 -20.79 -31.90
N SER B 294 3.83 -20.52 -32.95
CA SER B 294 4.26 -20.65 -34.33
C SER B 294 4.67 -19.30 -34.98
N MET B 295 4.70 -18.21 -34.20
CA MET B 295 4.89 -16.88 -34.75
C MET B 295 6.24 -16.32 -34.30
N ASP B 296 6.80 -15.36 -35.08
CA ASP B 296 8.08 -14.75 -34.74
C ASP B 296 7.89 -13.67 -33.67
N ILE B 297 7.52 -14.15 -32.47
CA ILE B 297 7.26 -13.30 -31.32
C ILE B 297 7.82 -13.95 -30.07
N ASP B 298 7.99 -13.10 -29.07
CA ASP B 298 8.29 -13.49 -27.70
C ASP B 298 6.97 -13.54 -26.92
N VAL B 299 6.58 -14.72 -26.45
CA VAL B 299 5.32 -14.87 -25.73
C VAL B 299 5.60 -14.97 -24.23
N VAL B 300 4.85 -14.20 -23.44
CA VAL B 300 4.76 -14.41 -22.01
C VAL B 300 3.30 -14.68 -21.66
N ALA B 301 3.00 -15.86 -21.14
CA ALA B 301 1.65 -16.23 -20.81
C ALA B 301 1.53 -16.48 -19.30
N ALA B 302 0.57 -15.78 -18.66
CA ALA B 302 0.25 -15.92 -17.25
C ALA B 302 -1.01 -16.77 -17.10
N LEU B 303 -0.84 -18.02 -16.63
CA LEU B 303 -1.92 -19.00 -16.65
C LEU B 303 -2.09 -19.60 -15.25
N PRO B 304 -3.34 -19.90 -14.81
CA PRO B 304 -3.60 -20.57 -13.54
C PRO B 304 -3.10 -22.02 -13.61
N PRO B 305 -2.74 -22.64 -12.47
CA PRO B 305 -1.99 -23.90 -12.48
C PRO B 305 -2.67 -25.07 -13.21
N GLU B 306 -4.02 -25.15 -13.15
CA GLU B 306 -4.73 -26.23 -13.84
C GLU B 306 -4.58 -26.08 -15.35
N GLU B 307 -4.49 -24.83 -15.84
CA GLU B 307 -4.35 -24.53 -17.27
C GLU B 307 -2.92 -24.81 -17.73
N VAL B 308 -1.98 -24.90 -16.76
CA VAL B 308 -0.56 -25.10 -17.04
C VAL B 308 -0.27 -26.58 -17.36
N GLU B 309 -1.11 -27.52 -16.87
CA GLU B 309 -0.91 -28.95 -17.08
C GLU B 309 -1.77 -29.48 -18.23
N ALA B 310 -2.79 -28.70 -18.67
CA ALA B 310 -3.54 -28.98 -19.88
C ALA B 310 -2.65 -28.80 -21.11
N LEU B 311 -1.51 -28.14 -20.93
CA LEU B 311 -0.49 -28.00 -21.95
C LEU B 311 0.27 -29.32 -22.11
N GLU B 312 0.49 -29.69 -23.38
CA GLU B 312 1.28 -30.86 -23.74
C GLU B 312 2.75 -30.45 -23.80
N LYS B 313 3.02 -29.40 -24.58
CA LYS B 313 4.36 -28.96 -24.92
C LYS B 313 4.37 -27.43 -24.87
N VAL B 314 5.42 -26.83 -24.30
CA VAL B 314 5.57 -25.38 -24.24
C VAL B 314 6.43 -24.90 -25.41
N PRO B 315 5.87 -24.10 -26.36
CA PRO B 315 6.64 -23.61 -27.50
C PRO B 315 7.92 -22.91 -27.08
N ALA B 316 8.92 -22.99 -27.97
CA ALA B 316 10.25 -22.45 -27.78
C ALA B 316 10.23 -20.94 -27.60
N ASN B 317 9.22 -20.25 -28.15
CA ASN B 317 9.18 -18.79 -28.06
C ASN B 317 8.41 -18.33 -26.81
N THR B 318 8.01 -19.26 -25.93
CA THR B 318 6.98 -19.00 -24.94
C THR B 318 7.49 -19.22 -23.52
N ARG B 319 7.14 -18.29 -22.63
CA ARG B 319 7.41 -18.45 -21.21
C ARG B 319 6.08 -18.42 -20.46
N ILE B 320 5.81 -19.47 -19.68
CA ILE B 320 4.61 -19.59 -18.89
C ILE B 320 4.95 -19.18 -17.46
N VAL B 321 4.04 -18.42 -16.83
CA VAL B 321 4.19 -18.03 -15.45
C VAL B 321 2.83 -18.12 -14.76
N ASP B 322 2.87 -18.23 -13.44
CA ASP B 322 1.72 -18.10 -12.57
C ASP B 322 1.17 -16.67 -12.69
N PHE B 323 2.06 -15.70 -12.44
CA PHE B 323 1.73 -14.30 -12.29
C PHE B 323 2.99 -13.51 -12.63
N VAL B 324 2.80 -12.38 -13.30
CA VAL B 324 3.90 -11.44 -13.49
C VAL B 324 3.28 -10.05 -13.54
N PRO B 325 3.75 -9.08 -12.73
CA PRO B 325 3.09 -7.79 -12.66
C PRO B 325 3.16 -7.09 -14.02
N LEU B 326 1.99 -6.80 -14.59
CA LEU B 326 1.89 -6.23 -15.91
C LEU B 326 2.55 -4.85 -15.95
N HIS B 327 2.55 -4.12 -14.82
CA HIS B 327 3.06 -2.74 -14.83
C HIS B 327 4.55 -2.73 -15.14
N ALA B 328 5.23 -3.85 -14.84
CA ALA B 328 6.65 -4.04 -15.08
C ALA B 328 6.92 -4.72 -16.44
N LEU B 329 6.06 -5.66 -16.88
CA LEU B 329 6.22 -6.41 -18.13
C LEU B 329 5.82 -5.63 -19.40
N LEU B 330 4.81 -4.76 -19.32
CA LEU B 330 4.17 -4.21 -20.52
C LEU B 330 4.98 -3.08 -21.17
N PRO B 331 5.82 -2.29 -20.46
CA PRO B 331 6.72 -1.33 -21.13
C PRO B 331 7.49 -1.97 -22.29
N GLY B 332 7.32 -1.41 -23.50
CA GLY B 332 7.87 -1.98 -24.72
C GLY B 332 7.35 -3.39 -25.09
N ALA B 333 6.21 -3.82 -24.52
CA ALA B 333 5.49 -4.96 -25.06
C ALA B 333 4.77 -4.46 -26.31
N SER B 334 4.38 -5.39 -27.19
CA SER B 334 3.74 -5.02 -28.44
C SER B 334 2.24 -5.27 -28.36
N VAL B 335 1.82 -6.31 -27.63
CA VAL B 335 0.42 -6.69 -27.59
C VAL B 335 0.07 -7.30 -26.24
N LEU B 336 -1.14 -7.00 -25.74
CA LEU B 336 -1.73 -7.72 -24.62
C LEU B 336 -3.07 -8.34 -25.02
N ILE B 337 -3.17 -9.65 -24.76
CA ILE B 337 -4.38 -10.43 -25.00
C ILE B 337 -5.03 -10.73 -23.65
N HIS B 338 -6.30 -10.33 -23.49
CA HIS B 338 -6.97 -10.47 -22.20
C HIS B 338 -8.48 -10.34 -22.41
N HIS B 339 -9.23 -10.53 -21.32
CA HIS B 339 -10.68 -10.65 -21.38
C HIS B 339 -11.37 -9.30 -21.18
N GLY B 340 -10.60 -8.26 -20.89
CA GLY B 340 -11.13 -6.92 -20.75
C GLY B 340 -11.37 -6.51 -19.30
N GLY B 341 -10.76 -7.24 -18.35
CA GLY B 341 -10.67 -6.78 -16.97
C GLY B 341 -9.90 -5.46 -16.92
N PHE B 342 -10.16 -4.63 -15.91
CA PHE B 342 -9.67 -3.25 -15.88
C PHE B 342 -8.17 -3.16 -15.60
N GLY B 343 -7.68 -4.01 -14.69
CA GLY B 343 -6.27 -3.96 -14.35
C GLY B 343 -5.40 -4.18 -15.58
N SER B 344 -5.79 -5.19 -16.38
CA SER B 344 -5.11 -5.49 -17.63
C SER B 344 -5.30 -4.37 -18.66
N TRP B 345 -6.55 -3.95 -18.86
CA TRP B 345 -6.93 -2.92 -19.79
C TRP B 345 -6.21 -1.61 -19.48
N GLY B 346 -6.18 -1.21 -18.20
CA GLY B 346 -5.57 0.04 -17.77
C GLY B 346 -4.05 0.04 -17.83
N THR B 347 -3.42 -1.11 -17.50
CA THR B 347 -1.97 -1.20 -17.44
C THR B 347 -1.41 -1.18 -18.86
N ALA B 348 -2.12 -1.83 -19.79
CA ALA B 348 -1.80 -1.75 -21.20
C ALA B 348 -1.98 -0.30 -21.70
N LEU B 349 -3.12 0.31 -21.36
CA LEU B 349 -3.43 1.66 -21.80
C LEU B 349 -2.30 2.64 -21.43
N VAL B 350 -1.87 2.65 -20.15
CA VAL B 350 -0.89 3.62 -19.69
C VAL B 350 0.48 3.30 -20.30
N ASN B 351 0.61 2.11 -20.87
CA ASN B 351 1.86 1.69 -21.47
C ASN B 351 1.80 1.83 -23.00
N GLY B 352 0.65 2.20 -23.56
CA GLY B 352 0.57 2.44 -25.00
C GLY B 352 0.63 1.15 -25.83
N VAL B 353 0.26 0.02 -25.22
CA VAL B 353 0.27 -1.31 -25.81
C VAL B 353 -1.09 -1.64 -26.43
N PRO B 354 -1.14 -1.95 -27.74
CA PRO B 354 -2.37 -2.41 -28.39
C PRO B 354 -2.90 -3.69 -27.75
N GLN B 355 -4.21 -3.76 -27.61
CA GLN B 355 -4.87 -4.82 -26.87
C GLN B 355 -5.74 -5.61 -27.84
N PHE B 356 -5.71 -6.96 -27.68
CA PHE B 356 -6.63 -7.86 -28.34
C PHE B 356 -7.54 -8.47 -27.28
N ILE B 357 -8.86 -8.27 -27.40
CA ILE B 357 -9.76 -8.62 -26.33
C ILE B 357 -10.82 -9.57 -26.86
N PRO B 358 -10.58 -10.90 -26.78
CA PRO B 358 -11.61 -11.89 -27.07
C PRO B 358 -12.44 -12.14 -25.80
N THR B 359 -13.69 -11.66 -25.78
CA THR B 359 -14.46 -11.62 -24.54
C THR B 359 -15.95 -11.73 -24.83
N ILE B 360 -16.74 -11.48 -23.78
CA ILE B 360 -18.17 -11.68 -23.75
C ILE B 360 -18.85 -10.43 -23.18
N ARG B 361 -20.18 -10.40 -23.27
CA ARG B 361 -20.97 -9.25 -22.84
C ARG B 361 -21.28 -9.43 -21.36
N TYR B 362 -20.21 -9.51 -20.56
CA TYR B 362 -20.32 -9.62 -19.11
C TYR B 362 -19.71 -8.35 -18.51
N ALA B 363 -20.35 -7.83 -17.46
CA ALA B 363 -19.93 -6.56 -16.90
C ALA B 363 -19.75 -5.60 -18.07
N ASP B 364 -18.59 -4.91 -18.10
CA ASP B 364 -18.27 -3.95 -19.16
C ASP B 364 -17.17 -4.46 -20.10
N TRP B 365 -16.88 -5.78 -20.09
CA TRP B 365 -15.79 -6.37 -20.85
C TRP B 365 -15.93 -6.13 -22.34
N TRP B 366 -17.13 -6.32 -22.90
CA TRP B 366 -17.35 -6.03 -24.31
C TRP B 366 -16.99 -4.59 -24.63
N ASN B 367 -17.34 -3.69 -23.68
CA ASN B 367 -17.21 -2.24 -23.85
C ASN B 367 -15.75 -1.81 -23.76
N LYS B 368 -15.02 -2.52 -22.91
CA LYS B 368 -13.58 -2.37 -22.80
C LYS B 368 -12.94 -2.68 -24.15
N GLY B 369 -13.35 -3.78 -24.77
CA GLY B 369 -12.90 -4.15 -26.11
C GLY B 369 -13.36 -3.16 -27.19
N THR B 370 -14.67 -2.91 -27.26
CA THR B 370 -15.23 -2.13 -28.36
C THR B 370 -14.76 -0.67 -28.34
N SER B 371 -14.58 -0.07 -27.15
CA SER B 371 -14.06 1.29 -27.06
C SER B 371 -12.69 1.42 -27.74
N LEU B 372 -11.77 0.47 -27.47
CA LEU B 372 -10.45 0.47 -28.07
C LEU B 372 -10.55 0.16 -29.59
N HIS B 373 -11.39 -0.82 -29.96
CA HIS B 373 -11.58 -1.21 -31.35
C HIS B 373 -12.01 0.03 -32.15
N GLU B 374 -12.96 0.80 -31.61
CA GLU B 374 -13.51 1.93 -32.33
C GLU B 374 -12.55 3.11 -32.33
N ALA B 375 -11.66 3.21 -31.34
CA ALA B 375 -10.64 4.25 -31.35
C ALA B 375 -9.45 3.84 -32.22
N GLY B 376 -9.44 2.59 -32.70
CA GLY B 376 -8.37 2.08 -33.54
C GLY B 376 -7.10 1.71 -32.76
N ALA B 377 -7.23 1.48 -31.44
CA ALA B 377 -6.09 1.22 -30.57
C ALA B 377 -5.94 -0.27 -30.30
N GLY B 378 -6.99 -1.04 -30.57
CA GLY B 378 -6.97 -2.46 -30.35
C GLY B 378 -8.06 -3.16 -31.16
N LEU B 379 -8.25 -4.45 -30.90
CA LEU B 379 -9.27 -5.20 -31.61
C LEU B 379 -10.07 -5.97 -30.57
N VAL B 380 -11.37 -6.09 -30.82
CA VAL B 380 -12.23 -6.91 -30.01
C VAL B 380 -12.84 -7.96 -30.94
N VAL B 381 -13.12 -9.13 -30.36
CA VAL B 381 -13.83 -10.19 -31.05
C VAL B 381 -14.61 -10.96 -29.99
N HIS B 382 -15.86 -11.39 -30.31
CA HIS B 382 -16.61 -12.21 -29.36
C HIS B 382 -15.86 -13.52 -29.19
N ALA B 383 -15.94 -14.10 -27.98
CA ALA B 383 -15.06 -15.21 -27.62
C ALA B 383 -15.42 -16.46 -28.43
N SER B 384 -16.69 -16.54 -28.85
CA SER B 384 -17.21 -17.69 -29.57
C SER B 384 -16.76 -17.68 -31.03
N GLU B 385 -16.28 -16.54 -31.50
CA GLU B 385 -15.75 -16.42 -32.86
C GLU B 385 -14.23 -16.53 -32.90
N LEU B 386 -13.57 -16.85 -31.78
CA LEU B 386 -12.13 -16.86 -31.77
C LEU B 386 -11.63 -18.20 -32.31
N THR B 387 -10.66 -18.12 -33.25
CA THR B 387 -10.06 -19.26 -33.91
C THR B 387 -8.55 -19.04 -33.99
N ALA B 388 -7.81 -20.10 -34.36
CA ALA B 388 -6.38 -20.00 -34.58
C ALA B 388 -6.07 -18.92 -35.61
N GLU B 389 -6.84 -18.82 -36.71
CA GLU B 389 -6.52 -17.85 -37.75
C GLU B 389 -6.91 -16.42 -37.33
N VAL B 390 -8.06 -16.23 -36.66
CA VAL B 390 -8.42 -14.90 -36.17
C VAL B 390 -7.36 -14.37 -35.17
N LEU B 391 -6.92 -15.22 -34.23
CA LEU B 391 -5.88 -14.87 -33.27
C LEU B 391 -4.60 -14.45 -33.99
N ARG B 392 -4.10 -15.32 -34.88
CA ARG B 392 -2.88 -15.10 -35.65
C ARG B 392 -2.95 -13.77 -36.40
N GLU B 393 -4.06 -13.50 -37.09
CA GLU B 393 -4.14 -12.29 -37.90
C GLU B 393 -4.31 -11.03 -37.04
N SER B 394 -5.10 -11.11 -35.95
CA SER B 394 -5.27 -9.97 -35.05
C SER B 394 -3.93 -9.60 -34.43
N VAL B 395 -3.18 -10.60 -33.96
CA VAL B 395 -1.88 -10.33 -33.37
C VAL B 395 -0.95 -9.71 -34.42
N GLU B 396 -0.96 -10.23 -35.65
CA GLU B 396 -0.05 -9.71 -36.67
C GLU B 396 -0.42 -8.26 -37.01
N ARG B 397 -1.71 -7.95 -37.16
CA ARG B 397 -2.12 -6.57 -37.44
C ARG B 397 -1.66 -5.60 -36.35
N LEU B 398 -1.86 -5.98 -35.08
CA LEU B 398 -1.57 -5.11 -33.94
C LEU B 398 -0.07 -4.85 -33.84
N VAL B 399 0.73 -5.82 -34.30
CA VAL B 399 2.19 -5.64 -34.35
C VAL B 399 2.58 -4.81 -35.57
N GLU B 400 2.08 -5.19 -36.76
CA GLU B 400 2.59 -4.72 -38.05
C GLU B 400 2.01 -3.35 -38.43
N ASP B 401 0.70 -3.19 -38.30
CA ASP B 401 -0.01 -1.98 -38.69
C ASP B 401 0.18 -0.92 -37.60
N ALA B 402 0.96 0.13 -37.91
CA ALA B 402 1.42 1.11 -36.92
C ALA B 402 0.27 1.99 -36.39
N SER B 403 -0.90 1.95 -37.05
CA SER B 403 -2.01 2.80 -36.65
C SER B 403 -2.49 2.42 -35.25
N TYR B 404 -2.40 1.13 -34.89
CA TYR B 404 -2.81 0.62 -33.58
C TYR B 404 -1.94 1.25 -32.48
N ARG B 405 -0.62 1.11 -32.58
CA ARG B 405 0.33 1.71 -31.66
C ARG B 405 0.12 3.21 -31.50
N GLU B 406 -0.10 3.90 -32.63
CA GLU B 406 -0.30 5.35 -32.70
C GLU B 406 -1.58 5.74 -31.96
N ALA B 407 -2.69 5.02 -32.21
CA ALA B 407 -3.93 5.25 -31.48
C ALA B 407 -3.70 5.01 -29.99
N ALA B 408 -3.07 3.89 -29.65
CA ALA B 408 -2.86 3.53 -28.25
C ALA B 408 -2.06 4.62 -27.54
N GLU B 409 -1.02 5.14 -28.21
CA GLU B 409 -0.18 6.22 -27.70
C GLU B 409 -1.01 7.48 -27.36
N ARG B 410 -2.00 7.79 -28.19
CA ARG B 410 -2.86 8.95 -27.95
C ARG B 410 -3.74 8.73 -26.71
N LEU B 411 -4.24 7.50 -26.49
CA LEU B 411 -5.01 7.14 -25.31
C LEU B 411 -4.14 7.22 -24.05
N ARG B 412 -2.92 6.69 -24.15
CA ARG B 412 -1.91 6.89 -23.12
C ARG B 412 -1.78 8.37 -22.78
N GLU B 413 -1.65 9.24 -23.79
CA GLU B 413 -1.45 10.67 -23.58
C GLU B 413 -2.67 11.28 -22.89
N GLU B 414 -3.87 10.83 -23.24
CA GLU B 414 -5.05 11.29 -22.52
C GLU B 414 -4.98 10.91 -21.04
N ASN B 415 -4.57 9.66 -20.73
CA ASN B 415 -4.44 9.23 -19.35
C ASN B 415 -3.45 10.15 -18.64
N GLN B 416 -2.28 10.42 -19.25
CA GLN B 416 -1.23 11.20 -18.61
C GLN B 416 -1.61 12.67 -18.46
N ARG B 417 -2.65 13.14 -19.14
CA ARG B 417 -3.11 14.50 -18.96
C ARG B 417 -4.17 14.55 -17.86
N THR B 418 -4.68 13.38 -17.43
CA THR B 418 -5.68 13.37 -16.37
C THR B 418 -5.04 13.63 -15.01
N PRO B 419 -5.67 14.44 -14.15
CA PRO B 419 -5.17 14.63 -12.78
C PRO B 419 -4.95 13.32 -12.03
N THR B 420 -3.82 13.23 -11.32
CA THR B 420 -3.50 12.05 -10.53
C THR B 420 -4.42 11.99 -9.31
N PRO B 421 -4.51 10.84 -8.62
CA PRO B 421 -5.14 10.78 -7.29
C PRO B 421 -4.65 11.84 -6.30
N HIS B 422 -3.34 12.05 -6.28
CA HIS B 422 -2.71 13.13 -5.54
C HIS B 422 -3.40 14.45 -5.86
N ASP B 423 -3.53 14.76 -7.16
CA ASP B 423 -4.09 16.04 -7.58
C ASP B 423 -5.56 16.16 -7.22
N VAL B 424 -6.32 15.05 -7.16
CA VAL B 424 -7.75 15.19 -6.91
C VAL B 424 -8.08 15.05 -5.42
N VAL B 425 -7.10 14.94 -4.53
CA VAL B 425 -7.37 14.87 -3.08
C VAL B 425 -8.13 16.13 -2.64
N PRO B 426 -7.63 17.37 -2.89
CA PRO B 426 -8.34 18.58 -2.49
C PRO B 426 -9.79 18.63 -2.98
N VAL B 427 -10.01 18.18 -4.20
CA VAL B 427 -11.34 18.15 -4.78
C VAL B 427 -12.24 17.21 -3.98
N ILE B 428 -11.72 16.06 -3.53
CA ILE B 428 -12.52 15.11 -2.77
C ILE B 428 -12.83 15.69 -1.39
N GLU B 429 -11.84 16.40 -0.81
CA GLU B 429 -11.97 17.08 0.46
C GLU B 429 -13.12 18.11 0.44
N GLU B 430 -13.14 19.00 -0.56
CA GLU B 430 -14.19 20.01 -0.69
C GLU B 430 -15.56 19.41 -0.99
N LEU B 431 -15.62 18.39 -1.86
CA LEU B 431 -16.88 17.74 -2.16
C LEU B 431 -17.45 17.07 -0.92
N THR B 432 -16.57 16.69 0.03
CA THR B 432 -17.01 16.05 1.25
C THR B 432 -17.58 17.09 2.22
N ALA B 433 -16.90 18.24 2.36
CA ALA B 433 -17.44 19.34 3.16
C ALA B 433 -18.83 19.75 2.65
N GLU B 434 -18.98 19.83 1.33
CA GLU B 434 -20.20 20.23 0.65
C GLU B 434 -21.36 19.26 0.92
N HIS B 435 -21.13 17.94 0.80
CA HIS B 435 -22.18 16.91 0.82
C HIS B 435 -22.28 16.18 2.16
N GLY B 436 -21.21 16.18 2.94
CA GLY B 436 -21.23 15.56 4.25
C GLY B 436 -22.27 16.22 5.16
N ARG B 437 -22.44 15.63 6.34
CA ARG B 437 -23.35 16.15 7.36
C ARG B 437 -22.85 17.52 7.84
#